data_7Z5R
#
_entry.id   7Z5R
#
_cell.length_a   81.459
_cell.length_b   81.533
_cell.length_c   170.145
_cell.angle_alpha   90.00
_cell.angle_beta   90.00
_cell.angle_gamma   90.00
#
_symmetry.space_group_name_H-M   'P 21 21 21'
#
loop_
_entity.id
_entity.type
_entity.pdbx_description
1 polymer 'N-glycosylase/DNA lyase'
2 non-polymer (7~{R})-~{N}-(4,5,6,7-tetrahydro-1,2-benzoxazol-3-yl)bicyclo[4.2.0]octa-1,3,5-triene-7-carboxamide
3 non-polymer 'NICKEL (II) ION'
4 water water
#
_entity_poly.entity_id   1
_entity_poly.type   'polypeptide(L)'
_entity_poly.pdbx_seq_one_letter_code
;GSHMRHRTLSSSPALWASIPCPRSELRLDLVLASGQSFRWKEQSPAHWSGVLADQVWTLTQTEDQLYCTVYRGDDSQVSR
PTLEELETLHKYFQLDVSLAQLYSHWASVDSHFQRVAQKFQGVRLLRQDPTECLFSFICSSNNNIARITGMVERLCQAFG
PRLIQLDDVTYHGFPNLHALAGPEAETHLRKLGLGYRARYVRASAKAILEEQGGPAWLQQLRVAPYEEAHKALCTLPGVG
AKVADCICLMALDKPQAVPVDVHVWQIAHRDYGWHPKTSQAKGPSPLANKELGNFFRNLWGPYAGWAQAVLFSADLRQ
;
_entity_poly.pdbx_strand_id   A,B,C
#
# COMPACT_ATOMS: atom_id res chain seq x y z
N HIS A 3 -36.18 -30.25 2.61
CA HIS A 3 -37.47 -30.16 1.86
C HIS A 3 -37.41 -29.15 0.68
N MET A 4 -36.69 -28.03 0.86
CA MET A 4 -36.46 -27.04 -0.21
C MET A 4 -35.02 -26.54 -0.18
N ARG A 5 -34.49 -26.22 -1.37
CA ARG A 5 -33.11 -25.72 -1.52
C ARG A 5 -33.09 -24.25 -1.94
N HIS A 6 -31.92 -23.63 -1.83
CA HIS A 6 -31.66 -22.34 -2.44
C HIS A 6 -31.67 -22.54 -3.95
N ARG A 7 -32.48 -21.75 -4.62
CA ARG A 7 -32.49 -21.70 -6.08
C ARG A 7 -31.15 -21.17 -6.64
N THR A 8 -30.78 -21.69 -7.81
CA THR A 8 -29.72 -21.12 -8.65
C THR A 8 -30.39 -20.74 -9.97
N LEU A 9 -29.64 -20.16 -10.90
CA LEU A 9 -30.24 -19.60 -12.13
C LEU A 9 -30.42 -20.69 -13.17
N SER A 10 -29.45 -21.62 -13.21
CA SER A 10 -29.57 -22.86 -13.98
C SER A 10 -30.71 -23.77 -13.48
N SER A 11 -30.84 -23.93 -12.16
CA SER A 11 -31.79 -24.91 -11.61
C SER A 11 -33.28 -24.57 -11.83
N SER A 12 -33.65 -23.31 -11.61
CA SER A 12 -35.08 -22.93 -11.53
C SER A 12 -35.47 -21.66 -12.33
N PRO A 13 -34.96 -21.51 -13.57
CA PRO A 13 -35.00 -20.23 -14.31
C PRO A 13 -36.38 -19.58 -14.52
N ALA A 14 -37.47 -20.35 -14.43
CA ALA A 14 -38.83 -19.79 -14.50
C ALA A 14 -39.25 -19.01 -13.24
N LEU A 15 -38.51 -19.19 -12.15
CA LEU A 15 -38.78 -18.48 -10.90
C LEU A 15 -37.99 -17.15 -10.74
N TRP A 16 -37.11 -16.84 -11.70
CA TRP A 16 -36.28 -15.63 -11.64
C TRP A 16 -36.78 -14.51 -12.54
N ALA A 17 -37.04 -13.34 -11.96
CA ALA A 17 -37.22 -12.09 -12.71
C ALA A 17 -35.87 -11.40 -12.84
N SER A 18 -35.78 -10.45 -13.76
CA SER A 18 -34.54 -9.71 -13.98
C SER A 18 -34.81 -8.20 -13.91
N ILE A 19 -33.75 -7.44 -13.64
CA ILE A 19 -33.79 -5.98 -13.58
C ILE A 19 -32.60 -5.50 -14.40
N PRO A 20 -32.85 -4.68 -15.44
CA PRO A 20 -31.75 -4.20 -16.28
C PRO A 20 -30.84 -3.30 -15.46
N CYS A 21 -29.57 -3.70 -15.34
CA CYS A 21 -28.69 -3.12 -14.36
C CYS A 21 -27.25 -3.51 -14.65
N PRO A 22 -26.43 -2.57 -15.15
CA PRO A 22 -25.02 -2.87 -15.40
C PRO A 22 -24.23 -3.22 -14.13
N ARG A 23 -23.03 -3.75 -14.32
CA ARG A 23 -22.12 -4.07 -13.22
C ARG A 23 -21.29 -2.84 -12.78
N SER A 24 -21.44 -1.72 -13.49
CA SER A 24 -20.90 -0.42 -13.07
C SER A 24 -21.89 0.40 -12.23
N GLU A 25 -23.15 -0.06 -12.20
CA GLU A 25 -24.14 0.44 -11.27
C GLU A 25 -24.24 -0.39 -9.99
N LEU A 26 -23.78 -1.65 -10.04
CA LEU A 26 -23.95 -2.59 -8.93
C LEU A 26 -23.08 -3.83 -9.08
N ARG A 27 -22.20 -4.05 -8.11
CA ARG A 27 -21.46 -5.31 -7.95
C ARG A 27 -21.86 -5.90 -6.60
N LEU A 28 -22.83 -6.81 -6.64
CA LEU A 28 -23.29 -7.59 -5.49
C LEU A 28 -22.19 -8.04 -4.55
N ASP A 29 -21.08 -8.56 -5.09
CA ASP A 29 -19.96 -9.03 -4.27
C ASP A 29 -19.13 -7.94 -3.56
N LEU A 30 -19.30 -6.68 -3.93
CA LEU A 30 -18.65 -5.54 -3.25
C LEU A 30 -19.61 -4.76 -2.33
N VAL A 31 -20.88 -5.16 -2.29
CA VAL A 31 -21.92 -4.44 -1.58
C VAL A 31 -22.46 -5.25 -0.39
N LEU A 32 -22.88 -6.48 -0.67
CA LEU A 32 -23.69 -7.27 0.26
C LEU A 32 -22.97 -7.83 1.50
N ALA A 33 -21.66 -8.05 1.43
CA ALA A 33 -20.90 -8.47 2.61
C ALA A 33 -19.82 -7.47 2.97
N SER A 34 -19.99 -6.21 2.56
CA SER A 34 -18.96 -5.18 2.72
C SER A 34 -19.21 -4.24 3.90
N GLY A 35 -19.90 -4.73 4.92
CA GLY A 35 -20.11 -3.97 6.17
C GLY A 35 -21.32 -3.03 6.22
N GLN A 36 -22.32 -3.27 5.38
CA GLN A 36 -23.53 -2.44 5.36
C GLN A 36 -24.69 -3.24 5.96
N SER A 37 -25.08 -4.30 5.27
CA SER A 37 -25.96 -5.33 5.78
C SER A 37 -25.11 -6.53 6.21
N PHE A 38 -25.58 -7.26 7.21
CA PHE A 38 -24.90 -8.48 7.69
C PHE A 38 -25.82 -9.69 7.55
N ARG A 39 -26.76 -9.61 6.61
CA ARG A 39 -27.82 -10.62 6.41
C ARG A 39 -27.73 -11.33 5.06
N TRP A 40 -26.69 -11.05 4.27
CA TRP A 40 -26.54 -11.66 2.95
C TRP A 40 -25.41 -12.68 2.99
N LYS A 41 -25.63 -13.87 2.43
CA LYS A 41 -24.60 -14.90 2.36
C LYS A 41 -24.58 -15.57 0.99
N GLU A 42 -23.36 -15.72 0.46
CA GLU A 42 -23.12 -16.41 -0.79
C GLU A 42 -23.25 -17.94 -0.61
N GLN A 43 -24.48 -18.44 -0.57
CA GLN A 43 -24.78 -19.86 -0.32
C GLN A 43 -24.41 -20.79 -1.50
N SER A 44 -24.52 -20.28 -2.73
CA SER A 44 -23.88 -20.90 -3.91
C SER A 44 -22.94 -19.84 -4.50
N PRO A 45 -21.91 -20.26 -5.27
CA PRO A 45 -21.08 -19.32 -6.03
C PRO A 45 -21.89 -18.31 -6.89
N ALA A 46 -21.61 -17.01 -6.67
CA ALA A 46 -22.30 -15.89 -7.33
C ALA A 46 -23.79 -15.73 -7.01
N HIS A 47 -24.30 -16.50 -6.05
CA HIS A 47 -25.71 -16.49 -5.67
C HIS A 47 -25.81 -16.05 -4.21
N TRP A 48 -26.51 -14.94 -3.98
CA TRP A 48 -26.55 -14.30 -2.66
C TRP A 48 -27.93 -14.43 -2.06
N SER A 49 -28.02 -14.99 -0.86
CA SER A 49 -29.31 -15.14 -0.22
C SER A 49 -29.38 -14.37 1.10
N GLY A 50 -30.58 -13.90 1.43
CA GLY A 50 -30.80 -13.05 2.61
C GLY A 50 -32.25 -12.67 2.77
N VAL A 51 -32.57 -12.13 3.94
CA VAL A 51 -33.91 -11.66 4.28
C VAL A 51 -34.09 -10.16 3.98
N LEU A 52 -35.17 -9.82 3.26
CA LEU A 52 -35.69 -8.46 3.18
C LEU A 52 -37.12 -8.47 3.62
N ALA A 53 -37.43 -7.74 4.70
CA ALA A 53 -38.83 -7.45 5.08
C ALA A 53 -39.73 -8.68 5.15
N ASP A 54 -39.42 -9.62 6.04
CA ASP A 54 -40.21 -10.86 6.16
C ASP A 54 -40.38 -11.71 4.85
N GLN A 55 -39.43 -11.58 3.92
CA GLN A 55 -39.33 -12.49 2.76
C GLN A 55 -37.88 -12.80 2.55
N VAL A 56 -37.60 -13.93 1.91
CA VAL A 56 -36.23 -14.30 1.54
C VAL A 56 -36.04 -14.12 0.04
N TRP A 57 -34.88 -13.60 -0.35
CA TRP A 57 -34.50 -13.44 -1.74
C TRP A 57 -33.22 -14.19 -2.02
N THR A 58 -33.04 -14.64 -3.27
CA THR A 58 -31.72 -14.95 -3.78
C THR A 58 -31.46 -14.06 -5.01
N LEU A 59 -30.23 -13.54 -5.07
CA LEU A 59 -29.83 -12.54 -6.06
C LEU A 59 -28.56 -12.99 -6.75
N THR A 60 -28.51 -12.76 -8.05
CA THR A 60 -27.32 -13.01 -8.86
C THR A 60 -27.41 -12.13 -10.11
N GLN A 61 -26.30 -11.96 -10.80
CA GLN A 61 -26.24 -10.96 -11.88
C GLN A 61 -25.29 -11.37 -13.00
N THR A 62 -25.65 -10.98 -14.22
CA THR A 62 -24.78 -11.02 -15.39
C THR A 62 -23.98 -9.70 -15.48
N GLU A 63 -23.38 -9.41 -16.64
CA GLU A 63 -22.79 -8.09 -16.90
C GLU A 63 -23.88 -7.02 -17.13
N ASP A 64 -25.03 -7.40 -17.68
CA ASP A 64 -26.08 -6.44 -18.02
C ASP A 64 -27.35 -6.52 -17.13
N GLN A 65 -27.56 -7.63 -16.43
CA GLN A 65 -28.82 -7.88 -15.72
C GLN A 65 -28.58 -8.26 -14.26
N LEU A 66 -29.53 -7.88 -13.39
CA LEU A 66 -29.62 -8.40 -12.02
C LEU A 66 -30.83 -9.34 -11.93
N TYR A 67 -30.59 -10.61 -11.61
CA TYR A 67 -31.65 -11.63 -11.50
C TYR A 67 -32.11 -11.85 -10.05
N CYS A 68 -33.41 -11.99 -9.86
CA CYS A 68 -34.04 -12.07 -8.55
C CYS A 68 -35.05 -13.20 -8.49
N THR A 69 -34.97 -13.99 -7.43
CA THR A 69 -36.05 -14.92 -7.07
C THR A 69 -36.40 -14.73 -5.59
N VAL A 70 -37.67 -14.94 -5.26
CA VAL A 70 -38.20 -14.66 -3.92
C VAL A 70 -38.88 -15.91 -3.35
N TYR A 71 -38.60 -16.22 -2.08
CA TYR A 71 -39.24 -17.34 -1.38
C TYR A 71 -40.23 -16.77 -0.37
N ARG A 72 -41.53 -16.99 -0.61
CA ARG A 72 -42.59 -16.51 0.28
C ARG A 72 -42.96 -17.59 1.29
N SER A 76 -48.28 -21.05 0.15
CA SER A 76 -48.08 -20.05 -0.91
C SER A 76 -47.67 -20.74 -2.23
N GLN A 77 -48.32 -20.35 -3.33
CA GLN A 77 -48.05 -20.92 -4.65
C GLN A 77 -46.80 -20.29 -5.27
N VAL A 78 -45.76 -21.09 -5.49
CA VAL A 78 -44.42 -20.61 -5.88
C VAL A 78 -44.46 -19.85 -7.21
N SER A 79 -44.18 -18.55 -7.16
CA SER A 79 -44.17 -17.65 -8.34
C SER A 79 -42.77 -17.10 -8.65
N ARG A 80 -42.70 -16.20 -9.63
CA ARG A 80 -41.58 -15.27 -9.77
C ARG A 80 -41.92 -13.97 -9.01
N PRO A 81 -40.96 -13.03 -8.88
CA PRO A 81 -41.29 -11.79 -8.19
C PRO A 81 -42.38 -10.98 -8.87
N THR A 82 -43.25 -10.35 -8.07
CA THR A 82 -44.30 -9.46 -8.60
C THR A 82 -43.68 -8.13 -9.01
N LEU A 83 -44.49 -7.20 -9.51
CA LEU A 83 -44.00 -5.85 -9.82
C LEU A 83 -43.67 -5.08 -8.53
N GLU A 84 -44.51 -5.25 -7.50
CA GLU A 84 -44.32 -4.59 -6.20
C GLU A 84 -43.04 -5.05 -5.52
N GLU A 85 -42.75 -6.35 -5.61
CA GLU A 85 -41.57 -6.94 -4.99
C GLU A 85 -40.26 -6.49 -5.66
N LEU A 86 -40.27 -6.37 -6.99
CA LEU A 86 -39.12 -5.81 -7.73
C LEU A 86 -38.91 -4.31 -7.48
N GLU A 87 -40.01 -3.57 -7.23
CA GLU A 87 -39.91 -2.18 -6.79
C GLU A 87 -39.15 -2.06 -5.46
N THR A 88 -39.37 -3.00 -4.53
CA THR A 88 -38.70 -2.93 -3.22
C THR A 88 -37.22 -3.23 -3.35
N LEU A 89 -36.83 -4.12 -4.26
CA LEU A 89 -35.40 -4.29 -4.62
C LEU A 89 -34.81 -3.06 -5.30
N HIS A 90 -35.62 -2.41 -6.14
CA HIS A 90 -35.22 -1.17 -6.81
C HIS A 90 -34.88 -0.09 -5.77
N LYS A 91 -35.75 0.06 -4.77
CA LYS A 91 -35.52 0.98 -3.67
C LYS A 91 -34.37 0.55 -2.76
N TYR A 92 -34.24 -0.75 -2.53
CA TYR A 92 -33.21 -1.26 -1.64
C TYR A 92 -31.84 -0.90 -2.18
N PHE A 93 -31.67 -1.05 -3.49
CA PHE A 93 -30.42 -0.68 -4.12
C PHE A 93 -30.38 0.77 -4.56
N GLN A 94 -31.45 1.55 -4.33
CA GLN A 94 -31.50 2.98 -4.66
C GLN A 94 -31.13 3.22 -6.14
N LEU A 95 -31.67 2.38 -7.02
CA LEU A 95 -31.23 2.30 -8.41
C LEU A 95 -31.62 3.52 -9.28
N ASP A 96 -32.58 4.32 -8.83
CA ASP A 96 -32.89 5.63 -9.46
C ASP A 96 -31.75 6.68 -9.41
N VAL A 97 -30.69 6.41 -8.65
CA VAL A 97 -29.52 7.29 -8.60
C VAL A 97 -28.41 6.68 -9.44
N SER A 98 -27.89 7.45 -10.40
CA SER A 98 -26.79 6.98 -11.25
C SER A 98 -25.46 7.05 -10.49
N LEU A 99 -24.92 5.88 -10.22
CA LEU A 99 -23.62 5.77 -9.57
C LEU A 99 -22.50 6.08 -10.55
N ALA A 100 -22.76 5.90 -11.84
CA ALA A 100 -21.76 6.22 -12.87
C ALA A 100 -21.45 7.71 -12.84
N GLN A 101 -22.50 8.53 -12.83
CA GLN A 101 -22.36 9.97 -12.73
C GLN A 101 -21.76 10.44 -11.40
N LEU A 102 -22.10 9.76 -10.31
CA LEU A 102 -21.48 10.05 -9.02
C LEU A 102 -19.99 9.73 -9.00
N TYR A 103 -19.61 8.54 -9.48
CA TYR A 103 -18.19 8.17 -9.60
C TYR A 103 -17.36 9.26 -10.32
N SER A 104 -17.88 9.76 -11.45
CA SER A 104 -17.25 10.86 -12.19
C SER A 104 -17.15 12.15 -11.39
N HIS A 105 -18.28 12.52 -10.77
CA HIS A 105 -18.35 13.74 -9.97
C HIS A 105 -17.34 13.75 -8.83
N TRP A 106 -17.25 12.65 -8.08
CA TRP A 106 -16.22 12.52 -7.05
C TRP A 106 -14.81 12.45 -7.64
N ALA A 107 -14.65 11.76 -8.76
CA ALA A 107 -13.33 11.59 -9.40
C ALA A 107 -12.67 12.92 -9.81
N SER A 108 -13.46 13.85 -10.33
CA SER A 108 -12.96 15.16 -10.73
C SER A 108 -12.27 16.01 -9.65
N VAL A 109 -12.55 15.75 -8.37
CA VAL A 109 -11.89 16.49 -7.26
C VAL A 109 -10.87 15.68 -6.47
N ASP A 110 -10.74 14.39 -6.76
CA ASP A 110 -9.99 13.48 -5.91
C ASP A 110 -9.25 12.44 -6.78
N SER A 111 -7.95 12.63 -6.93
CA SER A 111 -7.15 11.76 -7.78
C SER A 111 -7.10 10.36 -7.18
N HIS A 112 -6.89 10.27 -5.87
CA HIS A 112 -6.87 8.97 -5.16
C HIS A 112 -8.14 8.17 -5.40
N PHE A 113 -9.30 8.82 -5.28
CA PHE A 113 -10.57 8.16 -5.55
C PHE A 113 -10.61 7.61 -6.98
N GLN A 114 -10.17 8.43 -7.93
CA GLN A 114 -10.11 8.04 -9.35
C GLN A 114 -9.42 6.70 -9.56
N ARG A 115 -8.27 6.51 -8.92
CA ARG A 115 -7.48 5.26 -9.00
C ARG A 115 -8.21 4.04 -8.45
N VAL A 116 -8.78 4.19 -7.26
CA VAL A 116 -9.43 3.09 -6.54
C VAL A 116 -10.73 2.69 -7.26
N ALA A 117 -11.54 3.69 -7.57
CA ALA A 117 -12.77 3.51 -8.35
C ALA A 117 -12.62 2.73 -9.67
N GLN A 118 -11.52 2.94 -10.39
CA GLN A 118 -11.23 2.14 -11.60
C GLN A 118 -11.41 0.66 -11.31
N LYS A 119 -10.79 0.20 -10.22
CA LYS A 119 -10.86 -1.20 -9.81
C LYS A 119 -12.22 -1.59 -9.20
N PHE A 120 -12.80 -0.74 -8.35
CA PHE A 120 -13.97 -1.10 -7.54
C PHE A 120 -15.23 -0.35 -7.95
N GLN A 121 -15.66 -0.64 -9.17
CA GLN A 121 -16.93 -0.14 -9.68
C GLN A 121 -18.13 -0.83 -9.02
N GLY A 122 -19.28 -0.17 -9.08
CA GLY A 122 -20.54 -0.72 -8.60
C GLY A 122 -20.75 -0.84 -7.08
N VAL A 123 -19.96 -0.14 -6.28
CA VAL A 123 -20.17 -0.12 -4.85
C VAL A 123 -21.23 0.94 -4.59
N ARG A 124 -22.40 0.54 -4.12
CA ARG A 124 -23.43 1.48 -3.74
C ARG A 124 -23.90 1.30 -2.32
N LEU A 125 -24.75 2.21 -1.86
CA LEU A 125 -25.32 2.18 -0.53
C LEU A 125 -26.69 1.58 -0.55
N LEU A 126 -26.87 0.55 0.26
CA LEU A 126 -28.16 -0.05 0.45
C LEU A 126 -29.04 0.90 1.26
N ARG A 127 -30.35 0.80 1.05
CA ARG A 127 -31.34 1.51 1.84
C ARG A 127 -32.01 0.50 2.76
N GLN A 128 -31.61 0.53 4.02
CA GLN A 128 -32.02 -0.46 4.99
C GLN A 128 -33.14 0.04 5.90
N ASP A 129 -33.79 -0.91 6.57
CA ASP A 129 -34.81 -0.67 7.56
C ASP A 129 -34.06 -0.08 8.77
N PRO A 130 -34.55 1.04 9.36
CA PRO A 130 -33.89 1.67 10.53
C PRO A 130 -33.67 0.75 11.74
N THR A 131 -34.60 -0.15 12.00
CA THR A 131 -34.59 -1.00 13.17
C THR A 131 -33.53 -2.07 13.02
N GLU A 132 -33.51 -2.75 11.88
CA GLU A 132 -32.45 -3.70 11.61
C GLU A 132 -31.07 -3.02 11.58
N CYS A 133 -31.02 -1.85 10.98
CA CYS A 133 -29.76 -1.14 10.88
C CYS A 133 -29.25 -0.73 12.24
N LEU A 134 -30.12 -0.18 13.07
CA LEU A 134 -29.73 0.29 14.42
C LEU A 134 -29.16 -0.82 15.30
N PHE A 135 -29.84 -1.95 15.39
CA PHE A 135 -29.39 -3.01 16.29
C PHE A 135 -28.22 -3.76 15.70
N SER A 136 -28.14 -3.81 14.37
CA SER A 136 -26.93 -4.35 13.73
C SER A 136 -25.69 -3.56 14.09
N PHE A 137 -25.79 -2.23 14.07
CA PHE A 137 -24.61 -1.42 14.34
C PHE A 137 -24.28 -1.27 15.82
N ILE A 138 -25.25 -1.46 16.70
CA ILE A 138 -24.98 -1.58 18.14
C ILE A 138 -24.14 -2.83 18.39
N CYS A 139 -24.39 -3.89 17.65
CA CYS A 139 -23.57 -5.10 17.70
C CYS A 139 -22.16 -4.97 17.07
N SER A 140 -21.87 -3.88 16.37
CA SER A 140 -20.64 -3.77 15.59
C SER A 140 -19.45 -3.23 16.35
N SER A 141 -19.65 -2.74 17.57
CA SER A 141 -18.54 -2.21 18.38
C SER A 141 -17.55 -3.34 18.69
N ASN A 142 -16.25 -3.01 18.65
CA ASN A 142 -15.16 -3.94 18.99
C ASN A 142 -15.32 -5.34 18.41
N ASN A 143 -15.72 -5.40 17.14
CA ASN A 143 -16.18 -6.63 16.51
C ASN A 143 -15.72 -6.69 15.04
N ASN A 144 -15.90 -7.84 14.39
CA ASN A 144 -15.60 -8.01 12.95
C ASN A 144 -16.82 -8.53 12.20
N ILE A 145 -16.76 -8.46 10.87
CA ILE A 145 -17.91 -8.74 10.01
C ILE A 145 -18.48 -10.15 10.21
N ALA A 146 -17.61 -11.13 10.48
CA ALA A 146 -18.04 -12.53 10.61
C ALA A 146 -18.80 -12.75 11.91
N ARG A 147 -18.26 -12.24 13.00
CA ARG A 147 -18.93 -12.31 14.30
C ARG A 147 -20.20 -11.46 14.38
N ILE A 148 -20.26 -10.32 13.68
CA ILE A 148 -21.47 -9.50 13.70
C ILE A 148 -22.57 -10.25 12.99
N THR A 149 -22.23 -10.85 11.85
CA THR A 149 -23.14 -11.71 11.09
C THR A 149 -23.73 -12.83 11.94
N GLY A 150 -22.87 -13.42 12.77
CA GLY A 150 -23.29 -14.46 13.71
C GLY A 150 -24.25 -13.97 14.77
N MET A 151 -23.88 -12.86 15.41
CA MET A 151 -24.74 -12.26 16.43
C MET A 151 -26.11 -11.84 15.88
N VAL A 152 -26.13 -11.22 14.70
CA VAL A 152 -27.40 -10.79 14.09
C VAL A 152 -28.26 -11.99 13.69
N GLU A 153 -27.65 -13.02 13.14
CA GLU A 153 -28.36 -14.26 12.81
C GLU A 153 -28.99 -14.92 14.06
N ARG A 154 -28.18 -15.11 15.09
CA ARG A 154 -28.68 -15.71 16.32
C ARG A 154 -29.82 -14.86 16.95
N LEU A 155 -29.64 -13.54 16.91
CA LEU A 155 -30.63 -12.62 17.46
C LEU A 155 -31.97 -12.76 16.76
N CYS A 156 -31.95 -12.86 15.44
CA CYS A 156 -33.17 -13.06 14.65
C CYS A 156 -33.81 -14.42 14.91
N GLN A 157 -32.99 -15.46 15.08
CA GLN A 157 -33.49 -16.81 15.40
C GLN A 157 -34.21 -16.84 16.76
N ALA A 158 -33.57 -16.23 17.75
CA ALA A 158 -34.11 -16.19 19.11
C ALA A 158 -35.30 -15.26 19.30
N PHE A 159 -35.42 -14.21 18.49
CA PHE A 159 -36.41 -13.16 18.75
C PHE A 159 -37.40 -12.82 17.64
N GLY A 160 -37.06 -13.10 16.38
CA GLY A 160 -37.96 -12.80 15.26
C GLY A 160 -38.63 -14.03 14.64
N PRO A 161 -39.71 -13.81 13.88
CA PRO A 161 -40.52 -14.94 13.41
C PRO A 161 -39.81 -15.78 12.35
N ARG A 162 -40.06 -17.10 12.34
CA ARG A 162 -39.51 -17.97 11.31
C ARG A 162 -40.18 -17.67 9.98
N LEU A 163 -39.40 -17.64 8.91
CA LEU A 163 -39.94 -17.42 7.57
C LEU A 163 -39.95 -18.70 6.75
N ILE A 164 -38.78 -19.35 6.61
CA ILE A 164 -38.60 -20.51 5.73
C ILE A 164 -37.24 -21.18 5.97
N GLN A 165 -37.12 -22.47 5.63
CA GLN A 165 -35.82 -23.16 5.63
C GLN A 165 -35.39 -23.48 4.20
N LEU A 166 -34.12 -23.22 3.90
CA LEU A 166 -33.51 -23.59 2.61
C LEU A 166 -32.20 -24.31 2.91
N ASP A 167 -32.06 -25.53 2.38
CA ASP A 167 -30.97 -26.43 2.73
C ASP A 167 -30.92 -26.56 4.28
N ASP A 168 -29.76 -26.31 4.92
CA ASP A 168 -29.66 -26.36 6.38
C ASP A 168 -29.57 -24.92 6.95
N VAL A 169 -30.37 -23.99 6.41
CA VAL A 169 -30.35 -22.57 6.81
C VAL A 169 -31.77 -22.09 7.10
N THR A 170 -32.04 -21.73 8.36
CA THR A 170 -33.37 -21.27 8.78
C THR A 170 -33.35 -19.74 8.84
N TYR A 171 -34.30 -19.12 8.13
CA TYR A 171 -34.33 -17.68 7.93
C TYR A 171 -35.42 -17.11 8.81
N HIS A 172 -35.08 -16.04 9.53
CA HIS A 172 -35.98 -15.33 10.43
C HIS A 172 -36.03 -13.85 10.09
N GLY A 173 -37.21 -13.25 10.25
CA GLY A 173 -37.36 -11.79 10.11
C GLY A 173 -36.77 -11.04 11.28
N PHE A 174 -36.50 -9.75 11.10
CA PHE A 174 -35.91 -8.96 12.17
C PHE A 174 -36.96 -8.77 13.27
N PRO A 175 -36.52 -8.82 14.54
CA PRO A 175 -37.52 -8.67 15.60
C PRO A 175 -38.04 -7.25 15.71
N ASN A 176 -39.30 -7.12 16.17
CA ASN A 176 -39.82 -5.83 16.58
C ASN A 176 -39.20 -5.41 17.88
N LEU A 177 -39.42 -4.14 18.23
CA LEU A 177 -38.79 -3.54 19.40
C LEU A 177 -39.30 -4.14 20.69
N HIS A 178 -40.61 -4.37 20.76
CA HIS A 178 -41.21 -4.98 21.94
C HIS A 178 -40.54 -6.33 22.29
N ALA A 179 -40.12 -7.09 21.29
CA ALA A 179 -39.49 -8.39 21.52
C ALA A 179 -38.07 -8.31 22.11
N LEU A 180 -37.36 -7.24 21.81
CA LEU A 180 -36.01 -7.01 22.36
C LEU A 180 -36.01 -6.21 23.65
N ALA A 181 -37.17 -5.70 24.05
CA ALA A 181 -37.31 -4.82 25.23
C ALA A 181 -37.63 -5.56 26.55
N GLY A 182 -37.87 -6.87 26.48
CA GLY A 182 -38.50 -7.59 27.59
C GLY A 182 -37.53 -7.85 28.71
N PRO A 183 -38.06 -8.25 29.91
CA PRO A 183 -37.21 -8.40 31.12
C PRO A 183 -36.12 -9.46 31.06
N GLU A 184 -36.29 -10.48 30.21
CA GLU A 184 -35.27 -11.53 30.06
C GLU A 184 -34.37 -11.35 28.82
N ALA A 185 -34.57 -10.28 28.05
CA ALA A 185 -33.89 -10.14 26.76
C ALA A 185 -32.38 -10.00 26.85
N GLU A 186 -31.89 -9.24 27.82
CA GLU A 186 -30.44 -9.07 27.99
C GLU A 186 -29.78 -10.39 28.32
N THR A 187 -30.39 -11.14 29.23
CA THR A 187 -29.91 -12.44 29.67
C THR A 187 -29.87 -13.46 28.53
N HIS A 188 -30.95 -13.53 27.74
CA HIS A 188 -30.97 -14.37 26.55
C HIS A 188 -29.87 -13.91 25.60
N LEU A 189 -29.79 -12.60 25.35
CA LEU A 189 -28.80 -12.08 24.40
C LEU A 189 -27.34 -12.32 24.81
N ARG A 190 -27.07 -12.38 26.12
CA ARG A 190 -25.72 -12.75 26.60
C ARG A 190 -25.38 -14.23 26.34
N LYS A 191 -26.36 -15.10 26.54
CA LYS A 191 -26.26 -16.52 26.13
C LYS A 191 -25.96 -16.69 24.63
N LEU A 192 -26.49 -15.81 23.79
CA LEU A 192 -26.19 -15.80 22.34
C LEU A 192 -24.82 -15.18 21.94
N GLY A 193 -24.01 -14.72 22.90
CA GLY A 193 -22.64 -14.27 22.62
C GLY A 193 -22.44 -12.78 22.44
N LEU A 194 -23.44 -11.95 22.74
CA LEU A 194 -23.30 -10.51 22.47
C LEU A 194 -22.47 -9.77 23.50
N GLY A 195 -22.24 -10.36 24.68
CA GLY A 195 -21.47 -9.69 25.71
C GLY A 195 -22.19 -8.44 26.18
N TYR A 196 -21.41 -7.40 26.47
CA TYR A 196 -21.91 -6.07 26.87
C TYR A 196 -22.96 -5.49 25.90
N ARG A 197 -22.77 -5.75 24.61
CA ARG A 197 -23.67 -5.25 23.55
C ARG A 197 -25.14 -5.62 23.80
N ALA A 198 -25.35 -6.70 24.55
CA ALA A 198 -26.68 -7.13 24.97
C ALA A 198 -27.41 -6.11 25.83
N ARG A 199 -26.69 -5.39 26.69
CA ARG A 199 -27.30 -4.34 27.51
C ARG A 199 -27.85 -3.21 26.64
N TYR A 200 -27.06 -2.83 25.64
CA TYR A 200 -27.39 -1.75 24.74
C TYR A 200 -28.56 -2.04 23.80
N VAL A 201 -28.61 -3.28 23.30
CA VAL A 201 -29.72 -3.74 22.46
C VAL A 201 -31.05 -3.65 23.19
N ARG A 202 -31.12 -4.24 24.38
CA ARG A 202 -32.33 -4.23 25.20
C ARG A 202 -32.65 -2.83 25.68
N ALA A 203 -31.65 -2.13 26.21
CA ALA A 203 -31.81 -0.73 26.65
C ALA A 203 -32.28 0.20 25.53
N SER A 204 -31.67 0.14 24.34
CA SER A 204 -32.11 0.98 23.21
C SER A 204 -33.52 0.63 22.70
N ALA A 205 -33.88 -0.65 22.68
CA ALA A 205 -35.25 -1.06 22.33
C ALA A 205 -36.25 -0.47 23.30
N LYS A 206 -35.95 -0.59 24.58
CA LYS A 206 -36.82 -0.06 25.62
C LYS A 206 -36.96 1.47 25.45
N ALA A 207 -35.85 2.16 25.19
CA ALA A 207 -35.84 3.61 25.06
C ALA A 207 -36.59 4.11 23.83
N ILE A 208 -36.49 3.44 22.69
CA ILE A 208 -37.27 3.86 21.54
C ILE A 208 -38.77 3.75 21.83
N LEU A 209 -39.19 2.71 22.54
CA LEU A 209 -40.61 2.54 22.89
C LEU A 209 -41.11 3.60 23.87
N GLU A 210 -40.46 3.67 25.02
CA GLU A 210 -40.89 4.51 26.12
C GLU A 210 -40.54 5.99 26.01
N GLU A 211 -39.30 6.29 25.60
CA GLU A 211 -38.82 7.67 25.53
C GLU A 211 -39.11 8.35 24.18
N GLN A 212 -39.38 7.58 23.11
CA GLN A 212 -39.60 8.14 21.77
C GLN A 212 -40.88 7.72 21.06
N GLY A 213 -41.63 6.77 21.61
CA GLY A 213 -42.93 6.38 21.06
C GLY A 213 -42.89 5.35 19.93
N GLY A 214 -41.89 4.46 19.97
CA GLY A 214 -41.83 3.33 19.04
C GLY A 214 -41.28 3.68 17.67
N PRO A 215 -41.48 2.79 16.66
CA PRO A 215 -40.81 2.90 15.37
C PRO A 215 -41.23 4.04 14.47
N ALA A 216 -42.35 4.71 14.74
CA ALA A 216 -42.71 5.92 13.96
C ALA A 216 -41.63 7.00 14.12
N TRP A 217 -41.01 7.06 15.31
CA TRP A 217 -39.84 7.89 15.58
C TRP A 217 -38.73 7.75 14.54
N LEU A 218 -38.37 6.51 14.22
CA LEU A 218 -37.32 6.25 13.24
C LEU A 218 -37.71 6.71 11.84
N GLN A 219 -38.99 6.60 11.51
CA GLN A 219 -39.52 7.21 10.29
C GLN A 219 -39.51 8.76 10.35
N GLN A 220 -39.84 9.36 11.49
CA GLN A 220 -39.69 10.81 11.63
C GLN A 220 -38.24 11.25 11.34
N LEU A 221 -37.27 10.52 11.91
CA LEU A 221 -35.84 10.84 11.72
C LEU A 221 -35.42 10.74 10.26
N ARG A 222 -36.05 9.84 9.51
CA ARG A 222 -35.80 9.70 8.08
C ARG A 222 -36.15 10.95 7.28
N VAL A 223 -37.12 11.70 7.79
CA VAL A 223 -37.60 12.92 7.16
C VAL A 223 -36.99 14.17 7.79
N ALA A 224 -36.47 14.06 9.02
CA ALA A 224 -35.77 15.16 9.66
C ALA A 224 -34.40 15.51 9.03
N PRO A 225 -33.90 16.73 9.26
CA PRO A 225 -32.54 17.02 8.78
C PRO A 225 -31.51 16.13 9.47
N TYR A 226 -30.43 15.86 8.76
CA TYR A 226 -29.34 14.96 9.17
C TYR A 226 -28.84 15.22 10.57
N GLU A 227 -28.57 16.48 10.85
CA GLU A 227 -27.95 16.88 12.10
C GLU A 227 -28.94 16.66 13.27
N GLU A 228 -30.23 16.78 12.98
CA GLU A 228 -31.28 16.56 13.98
C GLU A 228 -31.42 15.06 14.24
N ALA A 229 -31.38 14.27 13.17
CA ALA A 229 -31.42 12.83 13.29
C ALA A 229 -30.23 12.31 14.09
N HIS A 230 -29.06 12.87 13.81
CA HIS A 230 -27.80 12.38 14.41
C HIS A 230 -27.78 12.59 15.92
N LYS A 231 -28.22 13.78 16.34
CA LYS A 231 -28.30 14.11 17.75
C LYS A 231 -29.33 13.26 18.47
N ALA A 232 -30.48 13.08 17.85
CA ALA A 232 -31.55 12.27 18.43
C ALA A 232 -31.10 10.81 18.63
N LEU A 233 -30.38 10.26 17.64
CA LEU A 233 -29.82 8.91 17.76
C LEU A 233 -28.78 8.77 18.85
N CYS A 234 -27.94 9.78 19.05
CA CYS A 234 -26.89 9.75 20.10
C CYS A 234 -27.43 9.74 21.53
N THR A 235 -28.74 9.95 21.71
CA THR A 235 -29.37 9.80 23.03
C THR A 235 -29.57 8.33 23.42
N LEU A 236 -29.50 7.40 22.46
CA LEU A 236 -29.75 5.97 22.74
C LEU A 236 -28.53 5.28 23.34
N PRO A 237 -28.74 4.36 24.31
CA PRO A 237 -27.64 3.58 24.88
C PRO A 237 -26.84 2.80 23.83
N GLY A 238 -25.52 2.90 23.89
CA GLY A 238 -24.65 2.22 22.92
C GLY A 238 -24.57 2.86 21.54
N VAL A 239 -25.25 3.99 21.34
CA VAL A 239 -25.23 4.69 20.08
C VAL A 239 -24.50 6.01 20.26
N GLY A 240 -23.28 6.08 19.72
CA GLY A 240 -22.50 7.32 19.61
C GLY A 240 -22.37 7.78 18.17
N ALA A 241 -21.49 8.76 17.95
CA ALA A 241 -21.33 9.43 16.66
C ALA A 241 -21.15 8.51 15.50
N LYS A 242 -20.36 7.45 15.69
CA LYS A 242 -20.05 6.56 14.58
C LYS A 242 -21.26 5.74 14.19
N VAL A 243 -21.88 5.09 15.17
CA VAL A 243 -23.05 4.28 14.93
C VAL A 243 -24.20 5.16 14.41
N ALA A 244 -24.34 6.37 14.94
CA ALA A 244 -25.42 7.24 14.50
C ALA A 244 -25.29 7.62 13.02
N ASP A 245 -24.06 7.95 12.61
CA ASP A 245 -23.73 8.22 11.21
C ASP A 245 -23.94 7.01 10.30
N CYS A 246 -23.66 5.81 10.82
CA CYS A 246 -23.98 4.59 10.08
C CYS A 246 -25.46 4.51 9.76
N ILE A 247 -26.28 4.67 10.78
CA ILE A 247 -27.75 4.58 10.65
C ILE A 247 -28.27 5.69 9.75
N CYS A 248 -27.79 6.91 9.99
CA CYS A 248 -28.11 8.06 9.14
C CYS A 248 -27.84 7.79 7.67
N LEU A 249 -26.63 7.30 7.37
CA LEU A 249 -26.19 7.01 5.98
C LEU A 249 -26.95 5.85 5.32
N MET A 250 -27.15 4.77 6.06
CA MET A 250 -27.64 3.51 5.50
C MET A 250 -29.14 3.26 5.66
N ALA A 251 -29.81 4.00 6.54
CA ALA A 251 -31.24 3.80 6.77
C ALA A 251 -32.12 5.06 6.88
N LEU A 252 -31.57 6.27 6.97
CA LEU A 252 -32.37 7.48 7.11
C LEU A 252 -32.19 8.48 5.96
N ASP A 253 -31.70 8.03 4.81
CA ASP A 253 -31.57 8.86 3.62
C ASP A 253 -30.81 10.19 3.88
N LYS A 254 -29.68 10.10 4.58
CA LYS A 254 -28.73 11.22 4.72
C LYS A 254 -27.42 10.81 4.04
N PRO A 255 -27.30 10.98 2.70
CA PRO A 255 -26.12 10.48 1.97
C PRO A 255 -24.82 11.21 2.29
N GLN A 256 -24.93 12.37 2.92
CA GLN A 256 -23.77 13.13 3.37
C GLN A 256 -23.14 12.65 4.67
N ALA A 257 -23.81 11.73 5.38
CA ALA A 257 -23.28 11.22 6.65
C ALA A 257 -22.03 10.39 6.37
N VAL A 258 -20.93 10.70 7.05
CA VAL A 258 -19.65 10.00 6.88
C VAL A 258 -19.26 9.39 8.24
N PRO A 259 -19.51 8.07 8.44
CA PRO A 259 -19.07 7.45 9.70
C PRO A 259 -17.54 7.44 9.87
N VAL A 260 -17.05 7.90 11.01
CA VAL A 260 -15.62 8.01 11.28
C VAL A 260 -15.29 7.23 12.55
N ASP A 261 -14.41 6.24 12.42
CA ASP A 261 -13.80 5.54 13.54
C ASP A 261 -12.28 5.55 13.30
N VAL A 262 -11.52 4.91 14.17
CA VAL A 262 -10.05 4.89 14.08
C VAL A 262 -9.53 4.31 12.76
N HIS A 263 -10.30 3.42 12.13
CA HIS A 263 -9.96 2.82 10.86
C HIS A 263 -10.05 3.81 9.70
N VAL A 264 -11.10 4.63 9.68
CA VAL A 264 -11.26 5.69 8.66
C VAL A 264 -10.19 6.77 8.85
N TRP A 265 -9.84 7.00 10.11
CA TRP A 265 -8.82 7.94 10.46
C TRP A 265 -7.49 7.53 9.84
N GLN A 266 -7.10 6.29 10.08
CA GLN A 266 -5.91 5.65 9.48
C GLN A 266 -5.88 5.84 7.95
N ILE A 267 -7.01 5.61 7.30
CA ILE A 267 -7.09 5.69 5.85
C ILE A 267 -7.00 7.14 5.34
N ALA A 268 -7.72 8.06 6.00
CA ALA A 268 -7.63 9.49 5.68
C ALA A 268 -6.18 10.00 5.78
N HIS A 269 -5.51 9.64 6.85
CA HIS A 269 -4.14 10.02 7.06
C HIS A 269 -3.19 9.44 6.01
N ARG A 270 -3.26 8.13 5.82
CA ARG A 270 -2.34 7.42 4.93
C ARG A 270 -2.51 7.84 3.48
N ASP A 271 -3.75 7.95 3.03
CA ASP A 271 -4.06 8.17 1.63
C ASP A 271 -4.39 9.62 1.24
N TYR A 272 -4.79 10.47 2.18
CA TYR A 272 -5.07 11.91 1.91
C TYR A 272 -4.09 12.85 2.60
N GLY A 273 -3.26 12.35 3.50
CA GLY A 273 -2.39 13.22 4.27
C GLY A 273 -3.11 14.09 5.29
N TRP A 274 -4.28 13.64 5.75
CA TRP A 274 -5.11 14.44 6.64
C TRP A 274 -4.59 14.40 8.06
N HIS A 275 -4.52 15.57 8.67
CA HIS A 275 -4.28 15.73 10.10
C HIS A 275 -5.29 16.70 10.65
N PRO A 276 -5.70 16.54 11.92
CA PRO A 276 -6.57 17.57 12.51
C PRO A 276 -5.86 18.93 12.51
N LYS A 277 -6.55 19.97 12.06
CA LYS A 277 -6.01 21.33 12.04
C LYS A 277 -6.25 21.97 13.41
N THR A 278 -5.25 21.83 14.30
CA THR A 278 -5.30 22.35 15.68
C THR A 278 -3.93 22.92 16.08
N GLY A 283 -3.90 12.89 17.16
CA GLY A 283 -4.65 11.65 17.35
C GLY A 283 -6.15 11.85 17.59
N PRO A 284 -6.94 10.75 17.54
CA PRO A 284 -8.41 10.86 17.50
C PRO A 284 -9.10 11.40 18.76
N SER A 285 -10.31 11.92 18.56
CA SER A 285 -11.18 12.45 19.61
C SER A 285 -12.54 12.71 18.96
N PRO A 286 -13.58 13.02 19.76
CA PRO A 286 -14.85 13.48 19.20
C PRO A 286 -14.76 14.72 18.30
N LEU A 287 -14.01 15.75 18.71
CA LEU A 287 -13.76 16.96 17.89
C LEU A 287 -13.09 16.63 16.56
N ALA A 288 -12.01 15.87 16.64
CA ALA A 288 -11.22 15.55 15.48
C ALA A 288 -11.96 14.69 14.47
N ASN A 289 -12.73 13.71 14.96
CA ASN A 289 -13.52 12.82 14.08
C ASN A 289 -14.62 13.60 13.36
N LYS A 290 -15.23 14.56 14.06
CA LYS A 290 -16.22 15.46 13.47
C LYS A 290 -15.61 16.32 12.36
N GLU A 291 -14.40 16.85 12.62
CA GLU A 291 -13.60 17.58 11.62
C GLU A 291 -13.30 16.75 10.37
N LEU A 292 -13.00 15.47 10.55
CA LEU A 292 -12.70 14.60 9.41
C LEU A 292 -13.94 14.31 8.57
N GLY A 293 -15.09 14.16 9.21
CA GLY A 293 -16.35 14.00 8.48
C GLY A 293 -16.71 15.24 7.66
N ASN A 294 -16.42 16.42 8.21
CA ASN A 294 -16.58 17.71 7.48
C ASN A 294 -15.61 17.85 6.34
N PHE A 295 -14.38 17.43 6.54
CA PHE A 295 -13.36 17.43 5.50
C PHE A 295 -13.87 16.68 4.27
N PHE A 296 -14.31 15.44 4.47
CA PHE A 296 -14.82 14.61 3.37
C PHE A 296 -16.09 15.15 2.74
N ARG A 297 -16.99 15.70 3.55
CA ARG A 297 -18.20 16.33 3.03
C ARG A 297 -17.82 17.49 2.13
N ASN A 298 -16.90 18.31 2.59
CA ASN A 298 -16.43 19.44 1.81
C ASN A 298 -15.80 19.01 0.48
N LEU A 299 -14.97 17.97 0.52
CA LEU A 299 -14.31 17.41 -0.67
C LEU A 299 -15.30 16.77 -1.65
N TRP A 300 -16.11 15.84 -1.18
CA TRP A 300 -16.96 15.02 -2.06
C TRP A 300 -18.35 15.55 -2.32
N GLY A 301 -18.89 16.34 -1.38
CA GLY A 301 -20.21 16.95 -1.55
C GLY A 301 -21.35 16.20 -0.87
N PRO A 302 -22.59 16.40 -1.34
CA PRO A 302 -23.75 15.88 -0.59
C PRO A 302 -23.91 14.35 -0.55
N TYR A 303 -23.17 13.61 -1.39
CA TYR A 303 -23.17 12.14 -1.32
C TYR A 303 -21.84 11.62 -0.77
N ALA A 304 -21.24 12.35 0.16
CA ALA A 304 -19.91 11.99 0.65
C ALA A 304 -19.86 10.58 1.27
N GLY A 305 -20.93 10.18 1.95
CA GLY A 305 -21.01 8.86 2.56
C GLY A 305 -21.01 7.70 1.57
N TRP A 306 -21.53 7.94 0.38
CA TRP A 306 -21.52 6.95 -0.69
C TRP A 306 -20.12 6.80 -1.27
N ALA A 307 -19.40 7.92 -1.37
CA ALA A 307 -18.01 7.87 -1.79
C ALA A 307 -17.17 7.11 -0.77
N GLN A 308 -17.48 7.30 0.53
CA GLN A 308 -16.76 6.62 1.60
C GLN A 308 -16.92 5.13 1.42
N ALA A 309 -18.13 4.71 1.06
CA ALA A 309 -18.42 3.30 0.82
C ALA A 309 -17.56 2.66 -0.24
N VAL A 310 -17.28 3.37 -1.33
CA VAL A 310 -16.42 2.83 -2.40
C VAL A 310 -15.04 2.51 -1.84
N LEU A 311 -14.46 3.49 -1.14
CA LEU A 311 -13.15 3.32 -0.48
C LEU A 311 -13.14 2.31 0.65
N PHE A 312 -14.25 2.25 1.38
CA PHE A 312 -14.44 1.31 2.50
C PHE A 312 -14.38 -0.13 1.99
N SER A 313 -15.17 -0.43 0.97
CA SER A 313 -15.15 -1.74 0.31
C SER A 313 -13.81 -2.07 -0.31
N ALA A 314 -13.24 -1.09 -1.02
CA ALA A 314 -11.88 -1.23 -1.54
C ALA A 314 -10.86 -1.60 -0.46
N ASP A 315 -11.02 -1.06 0.75
CA ASP A 315 -10.12 -1.37 1.86
C ASP A 315 -10.33 -2.79 2.46
N LEU A 316 -11.57 -3.28 2.47
CA LEU A 316 -11.83 -4.69 2.81
C LEU A 316 -11.30 -5.64 1.72
N ARG A 317 -11.29 -5.16 0.47
CA ARG A 317 -10.76 -5.88 -0.70
C ARG A 317 -11.64 -7.06 -1.09
N GLY B 1 40.85 -37.88 7.29
CA GLY B 1 39.42 -38.31 7.23
C GLY B 1 38.76 -37.86 5.94
N SER B 2 37.58 -38.41 5.65
CA SER B 2 36.93 -38.16 4.35
C SER B 2 36.39 -36.75 4.26
N HIS B 3 36.25 -36.29 3.02
CA HIS B 3 35.52 -35.07 2.73
C HIS B 3 34.06 -35.20 3.20
N MET B 4 33.63 -34.29 4.09
CA MET B 4 32.26 -34.23 4.59
C MET B 4 31.49 -33.16 3.84
N ARG B 5 30.24 -33.47 3.50
CA ARG B 5 29.38 -32.49 2.85
C ARG B 5 28.24 -32.05 3.76
N HIS B 6 27.61 -30.94 3.36
CA HIS B 6 26.34 -30.52 3.94
C HIS B 6 25.28 -31.60 3.68
N ARG B 7 24.55 -31.94 4.73
CA ARG B 7 23.53 -33.00 4.70
C ARG B 7 22.17 -32.45 4.24
N THR B 8 21.46 -33.25 3.45
CA THR B 8 20.03 -33.05 3.14
C THR B 8 19.26 -34.12 3.92
N LEU B 9 17.94 -34.20 3.72
CA LEU B 9 17.11 -35.16 4.46
C LEU B 9 17.16 -36.56 3.81
N SER B 10 17.43 -36.57 2.51
CA SER B 10 17.72 -37.80 1.76
C SER B 10 19.10 -38.39 2.06
N SER B 11 20.10 -37.54 2.32
CA SER B 11 21.51 -37.98 2.42
C SER B 11 21.84 -38.82 3.67
N SER B 12 21.42 -38.35 4.85
CA SER B 12 21.87 -38.92 6.11
C SER B 12 20.80 -39.34 7.13
N PRO B 13 19.68 -39.97 6.67
CA PRO B 13 18.50 -40.31 7.52
C PRO B 13 18.72 -40.67 9.00
N ALA B 14 19.76 -41.46 9.28
CA ALA B 14 20.07 -41.84 10.68
C ALA B 14 20.63 -40.69 11.52
N LEU B 15 21.41 -39.82 10.88
CA LEU B 15 22.01 -38.62 11.52
C LEU B 15 21.04 -37.44 11.79
N TRP B 16 19.74 -37.60 11.49
CA TRP B 16 18.71 -36.57 11.70
C TRP B 16 17.75 -36.93 12.84
N ALA B 17 17.78 -36.15 13.92
CA ALA B 17 16.77 -36.23 15.00
C ALA B 17 15.69 -35.17 14.77
N SER B 18 14.68 -35.13 15.63
CA SER B 18 13.56 -34.19 15.46
C SER B 18 12.95 -33.70 16.77
N ILE B 19 12.65 -32.40 16.81
CA ILE B 19 11.76 -31.81 17.81
C ILE B 19 10.42 -31.58 17.10
N PRO B 20 9.30 -32.02 17.72
CA PRO B 20 7.98 -31.73 17.16
C PRO B 20 7.62 -30.25 17.33
N CYS B 21 7.21 -29.64 16.22
CA CYS B 21 7.12 -28.18 16.13
C CYS B 21 6.38 -27.83 14.84
N PRO B 22 5.17 -27.23 14.94
CA PRO B 22 4.44 -26.88 13.71
C PRO B 22 5.06 -25.71 12.93
N ARG B 23 4.87 -25.69 11.61
CA ARG B 23 5.34 -24.59 10.77
C ARG B 23 4.69 -23.24 11.15
N SER B 24 3.49 -23.28 11.75
CA SER B 24 2.82 -22.09 12.31
C SER B 24 3.50 -21.53 13.58
N GLU B 25 4.20 -22.39 14.34
CA GLU B 25 4.99 -21.96 15.53
C GLU B 25 6.43 -21.55 15.22
N LEU B 26 6.91 -21.81 14.00
CA LEU B 26 8.29 -21.46 13.58
C LEU B 26 8.48 -21.74 12.09
N ARG B 27 8.77 -20.69 11.32
CA ARG B 27 9.18 -20.80 9.93
C ARG B 27 10.64 -20.39 9.84
N LEU B 28 11.50 -21.39 9.68
CA LEU B 28 12.96 -21.21 9.51
C LEU B 28 13.30 -20.10 8.51
N ASP B 29 12.67 -20.13 7.34
CA ASP B 29 12.93 -19.14 6.27
C ASP B 29 12.62 -17.68 6.63
N LEU B 30 11.78 -17.45 7.64
CA LEU B 30 11.50 -16.11 8.16
C LEU B 30 12.35 -15.66 9.36
N VAL B 31 13.01 -16.59 10.04
CA VAL B 31 13.75 -16.28 11.27
C VAL B 31 15.28 -16.21 11.09
N LEU B 32 15.85 -17.12 10.32
CA LEU B 32 17.30 -17.33 10.31
C LEU B 32 18.14 -16.34 9.49
N ALA B 33 17.55 -15.73 8.46
CA ALA B 33 18.27 -14.76 7.60
C ALA B 33 17.52 -13.42 7.43
N SER B 34 16.72 -13.08 8.45
CA SER B 34 15.91 -11.86 8.48
C SER B 34 16.44 -10.82 9.48
N GLY B 35 17.77 -10.71 9.59
CA GLY B 35 18.41 -9.70 10.43
C GLY B 35 18.45 -9.97 11.92
N GLN B 36 18.04 -11.15 12.37
CA GLN B 36 18.22 -11.54 13.77
C GLN B 36 19.66 -12.05 13.96
N SER B 37 19.93 -13.30 13.58
CA SER B 37 21.29 -13.84 13.50
C SER B 37 21.76 -13.74 12.04
N PHE B 38 23.06 -13.60 11.84
CA PHE B 38 23.65 -13.50 10.49
C PHE B 38 24.51 -14.72 10.12
N ARG B 39 24.49 -15.74 10.97
CA ARG B 39 25.37 -16.89 10.87
C ARG B 39 24.79 -18.06 10.05
N TRP B 40 23.52 -17.96 9.62
CA TRP B 40 22.84 -19.06 8.95
C TRP B 40 22.74 -18.84 7.44
N LYS B 41 23.02 -19.89 6.68
CA LYS B 41 22.86 -19.85 5.22
C LYS B 41 22.11 -21.08 4.74
N GLU B 42 21.40 -20.89 3.63
CA GLU B 42 20.66 -21.96 2.98
C GLU B 42 21.57 -22.62 1.93
N GLN B 43 22.37 -23.59 2.36
CA GLN B 43 23.39 -24.20 1.48
C GLN B 43 22.79 -25.14 0.41
N SER B 44 21.71 -25.83 0.76
CA SER B 44 20.85 -26.50 -0.22
C SER B 44 19.38 -26.09 0.02
N PRO B 45 18.45 -26.42 -0.90
CA PRO B 45 17.08 -25.94 -0.75
C PRO B 45 16.39 -26.43 0.52
N ALA B 46 15.86 -25.48 1.31
CA ALA B 46 15.13 -25.76 2.55
C ALA B 46 15.98 -26.38 3.67
N HIS B 47 17.31 -26.27 3.56
CA HIS B 47 18.22 -26.77 4.58
C HIS B 47 19.12 -25.61 4.96
N TRP B 48 19.08 -25.24 6.25
CA TRP B 48 19.80 -24.07 6.76
C TRP B 48 20.95 -24.53 7.63
N SER B 49 22.17 -24.07 7.31
CA SER B 49 23.36 -24.42 8.09
C SER B 49 24.02 -23.21 8.77
N GLY B 50 24.45 -23.40 10.01
CA GLY B 50 25.19 -22.40 10.75
C GLY B 50 25.72 -22.92 12.07
N VAL B 51 26.52 -22.10 12.74
CA VAL B 51 27.20 -22.47 13.98
C VAL B 51 26.32 -22.20 15.20
N LEU B 52 26.52 -22.98 16.25
CA LEU B 52 25.86 -22.75 17.55
C LEU B 52 26.71 -23.33 18.67
N ALA B 53 27.35 -22.46 19.45
CA ALA B 53 28.12 -22.84 20.64
C ALA B 53 29.23 -23.83 20.32
N ASP B 54 30.09 -23.45 19.36
CA ASP B 54 31.19 -24.31 18.92
C ASP B 54 30.74 -25.65 18.29
N GLN B 55 29.73 -25.60 17.44
CA GLN B 55 29.15 -26.77 16.76
C GLN B 55 28.33 -26.35 15.53
N VAL B 56 28.66 -26.86 14.34
CA VAL B 56 27.85 -26.60 13.15
C VAL B 56 26.60 -27.50 13.19
N TRP B 57 25.44 -26.93 12.81
CA TRP B 57 24.19 -27.68 12.63
C TRP B 57 23.61 -27.49 11.23
N THR B 58 22.72 -28.39 10.82
CA THR B 58 21.85 -28.12 9.65
C THR B 58 20.40 -28.37 10.02
N LEU B 59 19.54 -27.41 9.72
CA LEU B 59 18.12 -27.46 10.11
C LEU B 59 17.23 -27.51 8.87
N THR B 60 16.09 -28.20 9.02
CA THR B 60 15.04 -28.25 8.00
C THR B 60 13.74 -28.67 8.66
N GLN B 61 12.63 -28.49 7.95
CA GLN B 61 11.33 -28.76 8.56
C GLN B 61 10.25 -29.27 7.60
N THR B 62 9.22 -29.88 8.20
CA THR B 62 7.99 -30.27 7.52
C THR B 62 6.80 -29.61 8.27
N GLU B 63 5.56 -29.97 7.88
CA GLU B 63 4.33 -29.46 8.51
C GLU B 63 4.35 -29.47 10.03
N ASP B 64 4.77 -30.60 10.60
CA ASP B 64 4.74 -30.82 12.06
C ASP B 64 6.11 -31.00 12.74
N GLN B 65 7.20 -31.12 11.97
CA GLN B 65 8.52 -31.49 12.53
C GLN B 65 9.66 -30.51 12.21
N LEU B 66 10.45 -30.17 13.24
CA LEU B 66 11.76 -29.54 13.04
C LEU B 66 12.83 -30.66 12.98
N TYR B 67 13.34 -30.93 11.78
CA TYR B 67 14.44 -31.91 11.61
C TYR B 67 15.81 -31.21 11.71
N CYS B 68 16.74 -31.85 12.41
CA CYS B 68 18.05 -31.25 12.66
C CYS B 68 19.17 -32.29 12.82
N THR B 69 20.34 -31.90 12.33
CA THR B 69 21.56 -32.71 12.43
C THR B 69 22.71 -31.85 12.93
N VAL B 70 23.61 -32.45 13.68
CA VAL B 70 24.77 -31.77 14.23
C VAL B 70 26.07 -32.46 13.75
N TYR B 71 27.09 -31.66 13.46
CA TYR B 71 28.40 -32.15 13.01
C TYR B 71 29.41 -31.89 14.14
N ARG B 72 30.40 -32.77 14.27
CA ARG B 72 31.40 -32.67 15.35
C ARG B 72 32.65 -33.51 15.07
N ASP B 75 36.62 -33.84 16.14
CA ASP B 75 37.02 -34.66 15.00
C ASP B 75 37.03 -36.15 15.38
N SER B 76 35.95 -36.87 15.04
CA SER B 76 35.77 -38.28 15.41
C SER B 76 34.69 -38.98 14.55
N GLN B 77 34.23 -40.16 14.98
CA GLN B 77 33.06 -40.83 14.39
C GLN B 77 31.77 -40.03 14.64
N VAL B 78 30.73 -40.39 13.91
CA VAL B 78 29.54 -39.54 13.73
C VAL B 78 28.26 -40.16 14.30
N SER B 79 27.38 -39.31 14.84
CA SER B 79 26.08 -39.72 15.42
C SER B 79 25.01 -38.61 15.32
N ARG B 80 23.78 -38.93 15.75
CA ARG B 80 22.64 -37.98 15.71
C ARG B 80 22.50 -37.23 17.04
N PRO B 81 21.81 -36.06 17.04
CA PRO B 81 21.78 -35.15 18.22
C PRO B 81 21.27 -35.77 19.52
N THR B 82 21.81 -35.32 20.66
CA THR B 82 21.49 -35.86 21.98
C THR B 82 20.23 -35.23 22.58
N LEU B 83 19.89 -35.61 23.81
CA LEU B 83 18.85 -34.93 24.61
C LEU B 83 19.35 -33.58 25.16
N GLU B 84 20.62 -33.52 25.58
CA GLU B 84 21.24 -32.28 26.05
C GLU B 84 21.71 -31.31 24.93
N GLU B 85 21.46 -31.67 23.66
CA GLU B 85 21.68 -30.78 22.50
C GLU B 85 20.37 -30.37 21.83
N LEU B 86 19.39 -31.28 21.78
CA LEU B 86 18.02 -30.91 21.38
C LEU B 86 17.34 -30.01 22.43
N GLU B 87 17.84 -30.04 23.67
CA GLU B 87 17.47 -29.04 24.68
C GLU B 87 18.02 -27.64 24.31
N THR B 88 19.27 -27.58 23.84
CA THR B 88 19.89 -26.28 23.49
C THR B 88 19.29 -25.64 22.24
N LEU B 89 18.74 -26.45 21.33
CA LEU B 89 17.92 -25.92 20.23
C LEU B 89 16.62 -25.34 20.75
N HIS B 90 16.01 -26.04 21.72
CA HIS B 90 14.79 -25.58 22.39
C HIS B 90 14.99 -24.21 23.10
N LYS B 91 16.15 -24.02 23.72
CA LYS B 91 16.51 -22.73 24.34
C LYS B 91 16.77 -21.64 23.30
N TYR B 92 17.39 -22.01 22.17
CA TYR B 92 17.74 -21.06 21.08
C TYR B 92 16.51 -20.53 20.34
N PHE B 93 15.59 -21.42 19.95
CA PHE B 93 14.34 -21.02 19.32
C PHE B 93 13.25 -20.58 20.31
N GLN B 94 13.54 -20.60 21.61
CA GLN B 94 12.58 -20.26 22.68
C GLN B 94 11.20 -20.84 22.42
N LEU B 95 11.16 -22.15 22.16
CA LEU B 95 9.92 -22.84 21.82
C LEU B 95 8.99 -23.07 23.02
N ASP B 96 9.45 -22.73 24.24
CA ASP B 96 8.54 -22.59 25.39
C ASP B 96 7.43 -21.57 25.13
N VAL B 97 7.81 -20.41 24.57
CA VAL B 97 6.87 -19.31 24.32
C VAL B 97 5.97 -19.62 23.12
N SER B 98 4.66 -19.44 23.30
CA SER B 98 3.64 -19.86 22.32
C SER B 98 3.23 -18.74 21.37
N LEU B 99 3.41 -18.99 20.07
CA LEU B 99 3.01 -18.03 19.03
C LEU B 99 1.50 -17.84 18.95
N ALA B 100 0.73 -18.89 19.19
CA ALA B 100 -0.73 -18.80 19.19
C ALA B 100 -1.24 -17.80 20.24
N GLN B 101 -0.70 -17.88 21.45
CA GLN B 101 -1.02 -16.94 22.54
C GLN B 101 -0.64 -15.50 22.24
N LEU B 102 0.46 -15.31 21.50
CA LEU B 102 0.93 -13.96 21.14
C LEU B 102 0.24 -13.41 19.89
N TYR B 103 0.20 -14.18 18.80
CA TYR B 103 -0.60 -13.82 17.61
C TYR B 103 -2.13 -13.69 17.90
N SER B 104 -2.56 -14.00 19.13
CA SER B 104 -3.94 -13.69 19.58
C SER B 104 -4.03 -12.44 20.45
N HIS B 105 -3.07 -12.24 21.35
CA HIS B 105 -3.00 -11.01 22.15
C HIS B 105 -2.73 -9.78 21.26
N TRP B 106 -1.96 -9.98 20.19
CA TRP B 106 -1.62 -8.91 19.26
C TRP B 106 -2.76 -8.60 18.32
N ALA B 107 -3.42 -9.62 17.80
CA ALA B 107 -4.65 -9.42 17.01
C ALA B 107 -5.78 -8.78 17.85
N SER B 108 -5.79 -9.05 19.16
CA SER B 108 -6.74 -8.40 20.08
C SER B 108 -6.57 -6.87 20.07
N VAL B 109 -5.41 -6.40 20.51
CA VAL B 109 -5.14 -4.96 20.59
C VAL B 109 -4.93 -4.23 19.23
N ASP B 110 -4.73 -4.95 18.12
CA ASP B 110 -4.20 -4.34 16.88
C ASP B 110 -4.67 -5.02 15.59
N SER B 111 -5.39 -4.28 14.75
CA SER B 111 -6.02 -4.81 13.51
C SER B 111 -5.14 -4.74 12.27
N HIS B 112 -4.14 -3.85 12.28
CA HIS B 112 -3.11 -3.84 11.23
C HIS B 112 -2.36 -5.18 11.29
N PHE B 113 -2.04 -5.63 12.51
CA PHE B 113 -1.39 -6.92 12.74
C PHE B 113 -2.21 -8.11 12.23
N GLN B 114 -3.52 -8.08 12.51
CA GLN B 114 -4.43 -9.11 12.04
C GLN B 114 -4.40 -9.23 10.51
N ARG B 115 -4.39 -8.10 9.82
CA ARG B 115 -4.28 -8.09 8.36
C ARG B 115 -2.94 -8.70 7.92
N VAL B 116 -1.85 -8.23 8.52
CA VAL B 116 -0.49 -8.58 8.14
C VAL B 116 -0.09 -10.02 8.48
N ALA B 117 -0.45 -10.49 9.68
CA ALA B 117 0.01 -11.78 10.21
C ALA B 117 -0.43 -13.03 9.43
N GLN B 118 -1.47 -12.91 8.60
CA GLN B 118 -1.98 -14.03 7.79
C GLN B 118 -0.87 -14.79 7.06
N LYS B 119 -0.20 -14.15 6.10
CA LYS B 119 0.85 -14.80 5.30
C LYS B 119 2.26 -14.81 5.93
N PHE B 120 2.38 -14.43 7.21
CA PHE B 120 3.65 -14.45 7.94
C PHE B 120 3.45 -15.05 9.33
N GLN B 121 3.03 -16.31 9.34
CA GLN B 121 2.83 -17.05 10.57
C GLN B 121 4.06 -17.89 10.83
N GLY B 122 4.63 -17.78 12.02
CA GLY B 122 5.86 -18.48 12.40
C GLY B 122 7.09 -17.62 12.69
N VAL B 123 6.89 -16.34 13.02
CA VAL B 123 8.02 -15.45 13.29
C VAL B 123 8.17 -15.28 14.79
N ARG B 124 9.35 -15.66 15.28
CA ARG B 124 9.70 -15.58 16.69
C ARG B 124 11.12 -15.06 16.80
N LEU B 125 11.51 -14.71 18.02
CA LEU B 125 12.87 -14.28 18.28
C LEU B 125 13.72 -15.49 18.66
N LEU B 126 14.99 -15.43 18.28
CA LEU B 126 15.99 -16.41 18.68
C LEU B 126 16.62 -15.95 20.00
N ARG B 127 17.28 -16.87 20.70
CA ARG B 127 18.03 -16.57 21.91
C ARG B 127 19.52 -16.62 21.57
N GLN B 128 20.00 -15.52 20.99
CA GLN B 128 21.39 -15.41 20.57
C GLN B 128 22.34 -15.33 21.76
N ASP B 129 23.61 -15.69 21.53
CA ASP B 129 24.63 -15.60 22.56
C ASP B 129 24.87 -14.12 22.84
N PRO B 130 24.61 -13.67 24.10
CA PRO B 130 24.81 -12.28 24.49
C PRO B 130 26.09 -11.63 23.96
N THR B 131 27.18 -12.38 23.94
CA THR B 131 28.44 -11.90 23.36
C THR B 131 28.34 -11.78 21.84
N GLU B 132 27.87 -12.84 21.18
CA GLU B 132 27.76 -12.89 19.70
C GLU B 132 26.93 -11.75 19.10
N CYS B 133 25.89 -11.34 19.82
CA CYS B 133 24.96 -10.30 19.35
C CYS B 133 25.64 -8.93 19.19
N LEU B 134 26.28 -8.47 20.28
CA LEU B 134 26.83 -7.10 20.39
C LEU B 134 27.82 -6.67 19.31
N PHE B 135 28.62 -7.59 18.80
CA PHE B 135 29.67 -7.28 17.82
C PHE B 135 29.18 -7.47 16.39
N SER B 136 28.20 -8.35 16.22
CA SER B 136 27.47 -8.47 14.96
C SER B 136 26.71 -7.17 14.65
N PHE B 137 26.02 -6.65 15.66
CA PHE B 137 25.23 -5.41 15.52
C PHE B 137 26.00 -4.08 15.61
N ILE B 138 27.33 -4.15 15.68
CA ILE B 138 28.20 -2.99 15.48
C ILE B 138 28.57 -2.83 14.00
N CYS B 139 28.80 -3.96 13.32
CA CYS B 139 29.01 -3.96 11.87
C CYS B 139 27.71 -3.69 11.07
N SER B 140 26.55 -3.82 11.72
CA SER B 140 25.27 -3.49 11.10
C SER B 140 25.10 -2.01 10.75
N SER B 141 25.71 -1.12 11.55
CA SER B 141 25.56 0.33 11.43
C SER B 141 25.77 0.87 10.01
N ASN B 142 24.68 1.24 9.36
CA ASN B 142 24.65 1.73 7.96
C ASN B 142 24.94 0.63 6.90
N ASN B 143 24.73 -0.63 7.27
CA ASN B 143 24.92 -1.76 6.37
C ASN B 143 23.63 -2.56 6.26
N ASN B 144 23.52 -3.30 5.16
CA ASN B 144 22.38 -4.22 4.93
C ASN B 144 22.66 -5.60 5.58
N ILE B 145 21.76 -6.57 5.35
CA ILE B 145 21.94 -7.94 5.85
C ILE B 145 23.18 -8.62 5.24
N ALA B 146 23.25 -8.63 3.91
CA ALA B 146 24.31 -9.32 3.16
C ALA B 146 25.75 -8.86 3.51
N ARG B 147 25.92 -7.59 3.87
CA ARG B 147 27.23 -7.06 4.25
C ARG B 147 27.64 -7.47 5.68
N ILE B 148 26.74 -7.28 6.64
CA ILE B 148 26.99 -7.68 8.04
C ILE B 148 27.23 -9.20 8.20
N THR B 149 26.63 -9.99 7.31
CA THR B 149 26.90 -11.43 7.22
C THR B 149 28.35 -11.66 6.77
N GLY B 150 28.79 -10.90 5.77
CA GLY B 150 30.18 -10.91 5.31
C GLY B 150 31.20 -10.65 6.42
N MET B 151 31.03 -9.56 7.13
CA MET B 151 32.00 -9.14 8.16
C MET B 151 32.03 -10.03 9.41
N VAL B 152 30.85 -10.50 9.86
CA VAL B 152 30.75 -11.48 10.97
C VAL B 152 31.45 -12.81 10.61
N GLU B 153 31.42 -13.16 9.33
CA GLU B 153 32.15 -14.33 8.84
C GLU B 153 33.66 -14.10 9.00
N ARG B 154 34.16 -12.96 8.52
CA ARG B 154 35.57 -12.60 8.68
C ARG B 154 35.99 -12.47 10.15
N LEU B 155 35.10 -11.92 10.98
CA LEU B 155 35.36 -11.83 12.42
C LEU B 155 35.53 -13.21 13.09
N CYS B 156 34.73 -14.18 12.68
CA CYS B 156 34.86 -15.55 13.18
C CYS B 156 36.06 -16.30 12.55
N GLN B 157 36.30 -16.08 11.25
CA GLN B 157 37.43 -16.73 10.55
C GLN B 157 38.82 -16.24 11.02
N ALA B 158 38.92 -14.97 11.42
CA ALA B 158 40.20 -14.39 11.84
C ALA B 158 40.47 -14.59 13.33
N PHE B 159 39.47 -14.31 14.18
CA PHE B 159 39.61 -14.32 15.64
C PHE B 159 39.04 -15.57 16.34
N GLY B 160 38.23 -16.35 15.61
CA GLY B 160 37.50 -17.47 16.20
C GLY B 160 38.12 -18.82 15.86
N PRO B 161 37.86 -19.85 16.69
CA PRO B 161 38.51 -21.14 16.54
C PRO B 161 37.85 -21.99 15.46
N ARG B 162 38.65 -22.52 14.54
CA ARG B 162 38.17 -23.35 13.41
C ARG B 162 37.51 -24.63 13.95
N LEU B 163 36.27 -24.87 13.54
CA LEU B 163 35.45 -25.99 14.05
C LEU B 163 35.43 -27.20 13.11
N ILE B 164 35.15 -26.96 11.83
CA ILE B 164 34.93 -28.02 10.84
C ILE B 164 34.76 -27.43 9.44
N GLN B 165 35.00 -28.26 8.42
CA GLN B 165 34.77 -27.89 7.01
C GLN B 165 33.70 -28.79 6.39
N LEU B 166 32.71 -28.17 5.74
CA LEU B 166 31.68 -28.86 4.97
C LEU B 166 31.63 -28.26 3.58
N ASP B 167 31.66 -29.11 2.56
CA ASP B 167 31.84 -28.67 1.17
C ASP B 167 33.03 -27.72 1.15
N ASP B 168 32.90 -26.47 0.68
CA ASP B 168 34.05 -25.55 0.73
C ASP B 168 33.91 -24.42 1.78
N VAL B 169 33.11 -24.65 2.81
CA VAL B 169 32.87 -23.64 3.84
C VAL B 169 33.56 -24.08 5.13
N THR B 170 34.44 -23.23 5.64
CA THR B 170 35.14 -23.47 6.88
C THR B 170 34.44 -22.69 7.98
N TYR B 171 33.77 -23.41 8.85
CA TYR B 171 33.03 -22.81 9.96
C TYR B 171 33.99 -22.59 11.12
N HIS B 172 33.94 -21.37 11.67
CA HIS B 172 34.67 -21.04 12.88
C HIS B 172 33.66 -20.61 13.94
N GLY B 173 34.02 -20.77 15.20
CA GLY B 173 33.19 -20.31 16.32
C GLY B 173 33.27 -18.80 16.43
N PHE B 174 32.42 -18.23 17.29
CA PHE B 174 32.50 -16.80 17.56
C PHE B 174 33.62 -16.51 18.57
N PRO B 175 34.44 -15.46 18.33
CA PRO B 175 35.52 -15.11 19.27
C PRO B 175 35.11 -14.92 20.72
N ASN B 176 36.00 -15.27 21.62
CA ASN B 176 35.85 -14.95 23.05
C ASN B 176 36.22 -13.49 23.28
N LEU B 177 35.94 -13.00 24.49
CA LEU B 177 36.28 -11.62 24.88
C LEU B 177 37.80 -11.37 24.84
N HIS B 178 38.60 -12.35 25.27
CA HIS B 178 40.07 -12.22 25.34
C HIS B 178 40.71 -12.04 23.96
N ALA B 179 40.15 -12.71 22.95
CA ALA B 179 40.58 -12.57 21.56
C ALA B 179 40.35 -11.16 21.05
N LEU B 180 39.16 -10.64 21.31
CA LEU B 180 38.77 -9.30 20.89
C LEU B 180 39.48 -8.18 21.67
N ALA B 181 39.99 -8.50 22.87
CA ALA B 181 40.83 -7.58 23.67
C ALA B 181 42.24 -8.15 23.81
N GLU B 184 47.08 -5.82 20.20
CA GLU B 184 46.85 -5.33 18.86
C GLU B 184 45.53 -5.86 18.25
N ALA B 185 44.49 -5.95 19.08
CA ALA B 185 43.18 -6.46 18.64
C ALA B 185 42.45 -5.50 17.70
N GLU B 186 42.55 -4.20 17.99
CA GLU B 186 41.99 -3.15 17.14
C GLU B 186 42.66 -3.06 15.76
N THR B 187 43.93 -3.47 15.66
CA THR B 187 44.67 -3.45 14.39
C THR B 187 44.04 -4.40 13.35
N HIS B 188 43.82 -5.65 13.78
CA HIS B 188 43.34 -6.71 12.89
C HIS B 188 41.87 -6.57 12.49
N LEU B 189 41.05 -6.00 13.37
CA LEU B 189 39.64 -5.75 13.07
C LEU B 189 39.43 -4.76 11.90
N ARG B 190 40.39 -3.86 11.69
CA ARG B 190 40.37 -2.91 10.55
C ARG B 190 40.89 -3.57 9.28
N LYS B 191 41.90 -4.43 9.43
CA LYS B 191 42.41 -5.29 8.35
C LYS B 191 41.28 -5.97 7.58
N LEU B 192 40.19 -6.27 8.28
CA LEU B 192 38.93 -6.69 7.66
C LEU B 192 38.25 -5.47 6.98
N GLY B 193 37.10 -5.01 7.48
CA GLY B 193 36.51 -3.73 7.05
C GLY B 193 35.63 -3.00 8.07
N LEU B 194 35.89 -3.24 9.35
CA LEU B 194 35.04 -2.78 10.47
C LEU B 194 34.99 -1.26 10.70
N GLY B 195 35.97 -0.53 10.17
CA GLY B 195 36.00 0.93 10.26
C GLY B 195 36.37 1.39 11.66
N TYR B 196 35.76 2.52 12.08
CA TYR B 196 35.93 3.05 13.44
C TYR B 196 35.45 2.05 14.50
N ARG B 197 34.33 1.39 14.22
CA ARG B 197 33.72 0.36 15.08
C ARG B 197 34.68 -0.63 15.75
N ALA B 198 35.79 -0.95 15.08
CA ALA B 198 36.85 -1.83 15.65
C ALA B 198 37.41 -1.42 17.03
N ARG B 199 37.36 -0.11 17.35
CA ARG B 199 37.75 0.38 18.68
C ARG B 199 36.76 -0.02 19.78
N TYR B 200 35.45 0.13 19.50
CA TYR B 200 34.38 -0.28 20.44
C TYR B 200 34.37 -1.78 20.66
N VAL B 201 34.80 -2.54 19.64
CA VAL B 201 35.01 -3.97 19.77
C VAL B 201 36.10 -4.25 20.83
N ARG B 202 37.21 -3.53 20.76
CA ARG B 202 38.33 -3.71 21.69
C ARG B 202 37.99 -3.35 23.14
N ALA B 203 37.53 -2.12 23.35
CA ALA B 203 37.29 -1.58 24.70
C ALA B 203 36.13 -2.25 25.45
N SER B 204 35.06 -2.60 24.74
CA SER B 204 33.91 -3.30 25.33
C SER B 204 34.27 -4.71 25.77
N ALA B 205 35.11 -5.38 24.96
CA ALA B 205 35.62 -6.70 25.32
C ALA B 205 36.54 -6.64 26.55
N LYS B 206 37.35 -5.58 26.65
CA LYS B 206 38.19 -5.34 27.84
C LYS B 206 37.36 -4.89 29.05
N ALA B 207 36.31 -4.09 28.84
CA ALA B 207 35.46 -3.58 29.93
C ALA B 207 34.65 -4.69 30.60
N ILE B 208 34.00 -5.53 29.78
CA ILE B 208 33.19 -6.66 30.29
C ILE B 208 34.04 -7.84 30.80
N LEU B 209 35.27 -7.97 30.30
CA LEU B 209 36.20 -9.00 30.80
C LEU B 209 36.93 -8.52 32.07
N GLU B 210 37.47 -7.29 32.03
CA GLU B 210 38.29 -6.75 33.12
C GLU B 210 37.47 -6.12 34.25
N GLU B 211 36.69 -5.09 33.91
CA GLU B 211 35.94 -4.32 34.91
C GLU B 211 34.80 -5.10 35.57
N GLN B 212 34.11 -5.97 34.81
CA GLN B 212 32.87 -6.64 35.26
C GLN B 212 33.01 -8.10 35.73
N GLY B 213 34.04 -8.80 35.27
CA GLY B 213 34.28 -10.21 35.64
C GLY B 213 34.37 -11.14 34.44
N GLY B 214 33.46 -10.98 33.48
CA GLY B 214 33.42 -11.81 32.27
C GLY B 214 32.06 -11.81 31.58
N PRO B 215 31.74 -12.89 30.84
CA PRO B 215 30.41 -13.05 30.23
C PRO B 215 29.26 -13.38 31.20
N ALA B 216 29.60 -13.79 32.43
CA ALA B 216 28.60 -13.98 33.50
C ALA B 216 27.94 -12.67 33.98
N TRP B 217 28.58 -11.53 33.70
CA TRP B 217 27.95 -10.20 33.85
C TRP B 217 26.74 -10.03 32.92
N LEU B 218 26.92 -10.43 31.65
CA LEU B 218 25.85 -10.39 30.66
C LEU B 218 24.72 -11.42 30.95
N GLN B 219 25.07 -12.52 31.60
CA GLN B 219 24.07 -13.48 32.11
C GLN B 219 23.30 -12.94 33.33
N GLN B 220 23.93 -12.07 34.13
CA GLN B 220 23.25 -11.33 35.21
C GLN B 220 22.18 -10.38 34.66
N LEU B 221 22.47 -9.76 33.50
CA LEU B 221 21.52 -8.88 32.82
C LEU B 221 20.25 -9.63 32.38
N ARG B 222 20.38 -10.89 31.98
CA ARG B 222 19.22 -11.73 31.62
C ARG B 222 18.25 -11.98 32.79
N VAL B 223 18.80 -11.99 34.02
CA VAL B 223 18.00 -12.06 35.26
C VAL B 223 17.47 -10.68 35.65
N ALA B 224 18.28 -9.62 35.45
CA ALA B 224 17.91 -8.23 35.81
C ALA B 224 16.67 -7.70 35.07
N PRO B 225 16.00 -6.66 35.63
CA PRO B 225 14.86 -6.06 34.91
C PRO B 225 15.27 -5.30 33.64
N TYR B 226 14.36 -5.25 32.65
CA TYR B 226 14.61 -4.65 31.32
C TYR B 226 15.34 -3.29 31.38
N GLU B 227 14.81 -2.34 32.15
CA GLU B 227 15.39 -0.99 32.24
C GLU B 227 16.78 -0.98 32.87
N GLU B 228 17.00 -1.89 33.82
CA GLU B 228 18.34 -2.13 34.39
C GLU B 228 19.32 -2.56 33.29
N ALA B 229 18.90 -3.53 32.49
CA ALA B 229 19.73 -4.11 31.42
C ALA B 229 20.02 -3.14 30.25
N HIS B 230 19.01 -2.37 29.84
CA HIS B 230 19.16 -1.42 28.74
C HIS B 230 20.07 -0.24 29.14
N LYS B 231 19.77 0.37 30.30
CA LYS B 231 20.61 1.43 30.87
C LYS B 231 22.05 0.97 31.06
N ALA B 232 22.21 -0.28 31.50
CA ALA B 232 23.54 -0.89 31.65
C ALA B 232 24.26 -1.10 30.32
N LEU B 233 23.59 -1.72 29.34
CA LEU B 233 24.18 -1.93 28.00
C LEU B 233 24.51 -0.60 27.28
N CYS B 234 23.73 0.44 27.57
CA CYS B 234 24.02 1.81 27.11
C CYS B 234 25.30 2.39 27.73
N THR B 235 25.70 1.89 28.90
CA THR B 235 26.98 2.24 29.51
C THR B 235 28.22 1.79 28.72
N LEU B 236 28.03 0.87 27.76
CA LEU B 236 29.07 0.54 26.76
C LEU B 236 29.23 1.67 25.74
N PRO B 237 30.41 1.74 25.07
CA PRO B 237 30.67 2.82 24.11
C PRO B 237 30.22 2.46 22.70
N GLY B 240 22.79 3.35 18.78
CA GLY B 240 23.13 3.80 20.13
C GLY B 240 22.23 3.17 21.18
N ALA B 241 21.04 3.72 21.32
CA ALA B 241 19.98 3.11 22.14
C ALA B 241 19.29 1.98 21.38
N LYS B 242 19.38 2.00 20.05
CA LYS B 242 18.79 0.98 19.19
C LYS B 242 19.48 -0.38 19.41
N VAL B 243 20.80 -0.41 19.24
CA VAL B 243 21.60 -1.63 19.38
C VAL B 243 21.41 -2.27 20.77
N ALA B 244 21.33 -1.44 21.81
CA ALA B 244 21.04 -1.93 23.17
C ALA B 244 19.69 -2.64 23.30
N ASP B 245 18.67 -2.11 22.60
CA ASP B 245 17.35 -2.75 22.50
C ASP B 245 17.39 -4.02 21.62
N CYS B 246 18.13 -3.98 20.50
CA CYS B 246 18.33 -5.17 19.65
C CYS B 246 18.91 -6.31 20.47
N ILE B 247 19.95 -6.01 21.24
CA ILE B 247 20.60 -6.96 22.11
C ILE B 247 19.66 -7.37 23.26
N CYS B 248 18.98 -6.41 23.89
CA CYS B 248 18.08 -6.69 25.02
C CYS B 248 16.87 -7.55 24.64
N LEU B 249 16.48 -7.49 23.37
CA LEU B 249 15.39 -8.27 22.81
C LEU B 249 15.83 -9.66 22.40
N MET B 250 16.93 -9.71 21.64
CA MET B 250 17.41 -10.93 21.00
C MET B 250 18.25 -11.84 21.91
N ALA B 251 19.06 -11.25 22.79
CA ALA B 251 19.93 -12.00 23.72
C ALA B 251 19.36 -12.05 25.14
N LEU B 252 19.16 -10.90 25.75
CA LEU B 252 18.88 -10.80 27.20
C LEU B 252 17.47 -11.21 27.65
N ASP B 253 16.67 -11.81 26.77
CA ASP B 253 15.37 -12.38 27.14
C ASP B 253 14.41 -11.32 27.72
N LYS B 254 14.39 -10.14 27.10
CA LYS B 254 13.45 -9.06 27.43
C LYS B 254 12.62 -8.80 26.18
N PRO B 255 11.52 -9.55 26.02
CA PRO B 255 10.65 -9.36 24.84
C PRO B 255 10.12 -7.91 24.64
N GLN B 256 9.95 -7.16 25.72
CA GLN B 256 9.45 -5.77 25.66
C GLN B 256 10.40 -4.76 25.01
N ALA B 257 11.68 -5.10 24.83
CA ALA B 257 12.60 -4.23 24.08
C ALA B 257 12.13 -4.05 22.64
N VAL B 258 12.41 -2.88 22.06
CA VAL B 258 11.86 -2.44 20.77
C VAL B 258 12.87 -1.50 20.08
N PRO B 259 13.66 -2.05 19.14
CA PRO B 259 14.56 -1.20 18.36
C PRO B 259 13.80 -0.20 17.50
N VAL B 260 14.24 1.06 17.51
CA VAL B 260 13.58 2.12 16.74
C VAL B 260 14.63 2.81 15.87
N ASP B 261 14.39 2.77 14.56
CA ASP B 261 15.16 3.50 13.56
C ASP B 261 14.18 4.15 12.57
N VAL B 262 14.68 4.73 11.47
CA VAL B 262 13.82 5.40 10.49
C VAL B 262 12.78 4.45 9.82
N HIS B 263 13.13 3.17 9.71
CA HIS B 263 12.23 2.15 9.14
C HIS B 263 11.02 1.90 10.06
N VAL B 264 11.24 1.98 11.38
CA VAL B 264 10.16 1.82 12.35
C VAL B 264 9.27 3.08 12.38
N TRP B 265 9.90 4.25 12.38
CA TRP B 265 9.20 5.53 12.12
C TRP B 265 8.25 5.46 10.92
N GLN B 266 8.75 4.93 9.82
CA GLN B 266 7.96 4.80 8.61
C GLN B 266 6.69 3.95 8.76
N ILE B 267 6.82 2.77 9.37
CA ILE B 267 5.68 1.88 9.61
C ILE B 267 4.69 2.53 10.57
N ALA B 268 5.17 2.96 11.72
CA ALA B 268 4.34 3.58 12.73
C ALA B 268 3.51 4.69 12.11
N HIS B 269 4.19 5.52 11.33
CA HIS B 269 3.53 6.65 10.74
C HIS B 269 2.55 6.26 9.63
N ARG B 270 2.98 5.44 8.67
CA ARG B 270 2.07 5.00 7.58
C ARG B 270 0.93 4.12 8.08
N ASP B 271 1.27 3.12 8.89
CA ASP B 271 0.33 2.05 9.26
C ASP B 271 -0.46 2.29 10.55
N TYR B 272 0.01 3.16 11.43
CA TYR B 272 -0.70 3.48 12.68
C TYR B 272 -1.04 4.97 12.85
N GLY B 273 -0.68 5.81 11.89
CA GLY B 273 -0.87 7.24 12.03
C GLY B 273 -0.11 7.90 13.16
N TRP B 274 1.04 7.33 13.54
CA TRP B 274 1.77 7.85 14.70
C TRP B 274 2.50 9.13 14.35
N HIS B 275 2.44 10.10 15.25
CA HIS B 275 3.33 11.26 15.22
C HIS B 275 3.84 11.50 16.61
N PRO B 276 5.07 12.02 16.73
CA PRO B 276 5.54 12.39 18.07
C PRO B 276 4.70 13.52 18.69
N LYS B 277 4.28 13.36 19.94
CA LYS B 277 3.61 14.42 20.71
C LYS B 277 4.69 15.24 21.45
N THR B 278 5.15 16.32 20.80
CA THR B 278 6.12 17.26 21.40
C THR B 278 5.86 18.69 20.92
N GLY B 283 10.49 14.79 12.71
CA GLY B 283 11.39 13.73 12.28
C GLY B 283 12.07 13.03 13.45
N PRO B 284 12.96 12.04 13.16
CA PRO B 284 13.70 11.26 14.19
C PRO B 284 14.52 12.10 15.20
N SER B 285 14.67 11.56 16.41
CA SER B 285 15.36 12.24 17.51
C SER B 285 15.53 11.29 18.72
N PRO B 286 16.48 11.58 19.63
CA PRO B 286 16.62 10.76 20.85
C PRO B 286 15.36 10.73 21.72
N LEU B 287 14.82 11.92 22.01
CA LEU B 287 13.60 12.04 22.82
C LEU B 287 12.37 11.40 22.16
N ALA B 288 12.27 11.52 20.84
CA ALA B 288 11.13 10.98 20.06
C ALA B 288 11.19 9.46 19.84
N ASN B 289 12.37 8.95 19.47
CA ASN B 289 12.60 7.51 19.29
C ASN B 289 12.27 6.70 20.55
N LYS B 290 12.59 7.23 21.73
CA LYS B 290 12.18 6.61 23.00
C LYS B 290 10.65 6.62 23.18
N GLU B 291 10.04 7.73 22.74
CA GLU B 291 8.57 7.86 22.77
C GLU B 291 7.88 6.85 21.85
N LEU B 292 8.43 6.62 20.65
CA LEU B 292 7.89 5.59 19.74
C LEU B 292 8.07 4.17 20.29
N GLY B 293 9.16 3.94 21.02
CA GLY B 293 9.37 2.68 21.72
C GLY B 293 8.24 2.40 22.70
N ASN B 294 7.98 3.38 23.57
CA ASN B 294 6.92 3.28 24.58
C ASN B 294 5.55 3.08 23.93
N PHE B 295 5.31 3.78 22.84
CA PHE B 295 4.07 3.63 22.08
C PHE B 295 3.77 2.14 21.80
N PHE B 296 4.75 1.40 21.28
CA PHE B 296 4.52 -0.02 20.88
C PHE B 296 4.40 -1.02 22.05
N ARG B 297 5.18 -0.85 23.12
CA ARG B 297 5.01 -1.66 24.36
C ARG B 297 3.59 -1.54 24.90
N ASN B 298 3.12 -0.29 24.97
CA ASN B 298 1.80 0.05 25.47
C ASN B 298 0.67 -0.51 24.60
N LEU B 299 0.88 -0.59 23.28
CA LEU B 299 -0.09 -1.21 22.37
C LEU B 299 -0.06 -2.75 22.48
N TRP B 300 1.12 -3.33 22.26
CA TRP B 300 1.26 -4.78 22.08
C TRP B 300 1.40 -5.59 23.38
N GLY B 301 2.03 -5.00 24.39
CA GLY B 301 2.09 -5.60 25.72
C GLY B 301 3.52 -5.92 26.10
N PRO B 302 3.73 -7.06 26.80
CA PRO B 302 5.08 -7.43 27.27
C PRO B 302 5.98 -8.03 26.18
N TYR B 303 5.37 -8.72 25.20
CA TYR B 303 6.09 -9.24 24.03
C TYR B 303 5.93 -8.27 22.86
N ALA B 304 6.73 -7.20 22.90
CA ALA B 304 6.61 -6.06 21.99
C ALA B 304 7.58 -6.15 20.82
N GLY B 305 8.85 -6.43 21.13
CA GLY B 305 9.86 -6.67 20.10
C GLY B 305 9.55 -7.88 19.22
N TRP B 306 8.89 -8.88 19.82
CA TRP B 306 8.43 -10.06 19.09
C TRP B 306 7.38 -9.71 18.06
N ALA B 307 6.52 -8.75 18.41
CA ALA B 307 5.48 -8.24 17.50
C ALA B 307 6.10 -7.41 16.37
N GLN B 308 7.04 -6.54 16.74
CA GLN B 308 7.83 -5.78 15.78
C GLN B 308 8.45 -6.70 14.73
N ALA B 309 9.03 -7.82 15.21
CA ALA B 309 9.68 -8.82 14.37
C ALA B 309 8.79 -9.40 13.30
N VAL B 310 7.51 -9.60 13.64
CA VAL B 310 6.51 -10.05 12.66
C VAL B 310 6.35 -9.00 11.56
N LEU B 311 6.14 -7.75 11.97
CA LEU B 311 5.96 -6.64 11.04
C LEU B 311 7.17 -6.39 10.14
N PHE B 312 8.37 -6.62 10.67
CA PHE B 312 9.62 -6.58 9.89
C PHE B 312 9.62 -7.59 8.72
N SER B 313 9.09 -8.79 8.97
CA SER B 313 8.97 -9.82 7.95
C SER B 313 8.00 -9.41 6.83
N ALA B 314 6.94 -8.70 7.20
CA ALA B 314 5.92 -8.26 6.24
C ALA B 314 6.30 -7.06 5.35
N ASP B 315 7.47 -6.45 5.59
CA ASP B 315 8.07 -5.48 4.67
C ASP B 315 9.22 -6.18 3.95
N LEU B 316 10.30 -6.46 4.68
CA LEU B 316 11.47 -7.15 4.12
C LEU B 316 11.17 -8.63 3.88
N HIS C 3 -3.93 6.77 -47.55
CA HIS C 3 -3.05 6.26 -48.65
C HIS C 3 -2.06 5.19 -48.14
N MET C 4 -1.18 5.59 -47.21
CA MET C 4 -0.22 4.67 -46.57
C MET C 4 -0.82 4.09 -45.29
N ARG C 5 -0.55 2.82 -45.03
CA ARG C 5 -1.05 2.14 -43.82
C ARG C 5 0.02 2.15 -42.72
N HIS C 6 -0.43 2.00 -41.46
CA HIS C 6 0.48 1.99 -40.32
C HIS C 6 1.38 0.76 -40.34
N ARG C 7 2.68 1.00 -40.16
CA ARG C 7 3.69 -0.04 -40.33
C ARG C 7 3.78 -1.02 -39.15
N THR C 8 4.52 -2.10 -39.38
CA THR C 8 4.90 -3.06 -38.35
C THR C 8 6.25 -3.61 -38.82
N LEU C 9 7.11 -3.98 -37.87
CA LEU C 9 8.43 -4.56 -38.18
C LEU C 9 8.30 -5.91 -38.90
N SER C 10 7.37 -6.74 -38.44
CA SER C 10 7.00 -7.98 -39.15
C SER C 10 6.39 -7.73 -40.54
N SER C 11 5.68 -6.62 -40.71
CA SER C 11 5.06 -6.23 -41.99
C SER C 11 6.06 -5.84 -43.08
N SER C 12 6.83 -4.77 -42.86
CA SER C 12 7.77 -4.24 -43.87
C SER C 12 9.21 -4.15 -43.35
N PRO C 13 9.79 -5.30 -42.91
CA PRO C 13 11.06 -5.37 -42.14
C PRO C 13 12.29 -4.65 -42.72
N ALA C 14 12.36 -4.55 -44.05
CA ALA C 14 13.44 -3.81 -44.71
C ALA C 14 13.41 -2.30 -44.44
N LEU C 15 12.20 -1.76 -44.20
CA LEU C 15 11.96 -0.31 -44.20
C LEU C 15 12.23 0.38 -42.85
N TRP C 16 12.77 -0.35 -41.87
CA TRP C 16 13.04 0.17 -40.53
C TRP C 16 14.57 0.26 -40.29
N ALA C 17 14.95 0.85 -39.15
CA ALA C 17 16.35 0.88 -38.70
C ALA C 17 16.38 0.52 -37.20
N SER C 18 17.56 0.52 -36.59
CA SER C 18 17.67 0.22 -35.14
C SER C 18 18.92 0.80 -34.45
N ILE C 19 18.82 1.00 -33.15
CA ILE C 19 19.87 1.66 -32.33
C ILE C 19 20.22 0.77 -31.12
N PRO C 20 21.51 0.71 -30.74
CA PRO C 20 21.89 -0.08 -29.57
C PRO C 20 21.32 0.52 -28.27
N CYS C 21 20.36 -0.17 -27.66
CA CYS C 21 19.70 0.32 -26.45
C CYS C 21 18.98 -0.82 -25.70
N PRO C 22 19.52 -1.25 -24.53
CA PRO C 22 18.85 -2.34 -23.79
C PRO C 22 17.47 -1.98 -23.24
N ARG C 23 16.63 -3.00 -23.01
CA ARG C 23 15.31 -2.80 -22.42
C ARG C 23 15.37 -2.32 -20.95
N SER C 24 16.53 -2.48 -20.31
CA SER C 24 16.79 -1.88 -19.00
C SER C 24 17.01 -0.36 -19.06
N GLU C 25 17.58 0.13 -20.16
CA GLU C 25 17.84 1.57 -20.33
C GLU C 25 16.64 2.40 -20.82
N LEU C 26 15.59 1.75 -21.31
CA LEU C 26 14.43 2.44 -21.91
C LEU C 26 13.31 1.45 -22.19
N ARG C 27 12.13 1.69 -21.61
CA ARG C 27 10.94 0.88 -21.85
C ARG C 27 9.85 1.77 -22.42
N LEU C 28 9.58 1.62 -23.73
CA LEU C 28 8.68 2.54 -24.43
C LEU C 28 7.29 2.55 -23.81
N ASP C 29 6.84 1.40 -23.32
CA ASP C 29 5.54 1.29 -22.64
C ASP C 29 5.46 1.94 -21.26
N LEU C 30 6.59 2.30 -20.64
CA LEU C 30 6.59 3.08 -19.39
C LEU C 30 6.89 4.58 -19.56
N VAL C 31 7.29 4.99 -20.77
CA VAL C 31 7.77 6.35 -21.02
C VAL C 31 6.90 7.20 -21.95
N LEU C 32 6.27 6.57 -22.95
CA LEU C 32 5.60 7.31 -24.04
C LEU C 32 4.13 7.63 -23.79
N ALA C 33 3.49 6.93 -22.84
CA ALA C 33 2.10 7.22 -22.46
C ALA C 33 1.92 7.32 -20.95
N SER C 34 2.91 7.90 -20.27
CA SER C 34 2.93 7.98 -18.81
C SER C 34 3.05 9.42 -18.28
N GLY C 35 2.66 10.40 -19.09
CA GLY C 35 2.52 11.78 -18.62
C GLY C 35 3.62 12.79 -18.92
N GLN C 36 4.51 12.47 -19.87
CA GLN C 36 5.49 13.46 -20.36
C GLN C 36 5.04 14.00 -21.70
N SER C 37 4.85 13.08 -22.65
CA SER C 37 4.33 13.40 -23.98
C SER C 37 2.98 12.73 -24.08
N PHE C 38 2.04 13.40 -24.76
CA PHE C 38 0.70 12.84 -25.00
C PHE C 38 0.46 12.54 -26.50
N ARG C 39 1.46 12.83 -27.34
CA ARG C 39 1.41 12.66 -28.80
C ARG C 39 1.83 11.27 -29.36
N TRP C 40 2.05 10.27 -28.50
CA TRP C 40 2.47 8.93 -28.93
C TRP C 40 1.36 7.92 -28.63
N LYS C 41 0.91 7.19 -29.65
CA LYS C 41 -0.17 6.21 -29.48
C LYS C 41 0.26 4.83 -29.99
N GLU C 42 -0.17 3.78 -29.29
CA GLU C 42 0.13 2.39 -29.65
C GLU C 42 -0.94 1.91 -30.64
N GLN C 43 -0.74 2.16 -31.94
CA GLN C 43 -1.78 1.88 -32.96
C GLN C 43 -1.87 0.37 -33.21
N SER C 44 -0.74 -0.22 -33.60
CA SER C 44 -0.58 -1.68 -33.68
C SER C 44 0.06 -2.14 -32.38
N PRO C 45 -0.24 -3.38 -31.92
CA PRO C 45 0.35 -3.88 -30.66
C PRO C 45 1.89 -3.84 -30.66
N ALA C 46 2.46 -3.33 -29.57
CA ALA C 46 3.92 -3.13 -29.41
C ALA C 46 4.56 -2.11 -30.37
N HIS C 47 3.76 -1.24 -30.97
CA HIS C 47 4.24 -0.28 -31.99
C HIS C 47 3.64 1.11 -31.78
N TRP C 48 4.49 2.05 -31.33
CA TRP C 48 4.06 3.36 -30.85
C TRP C 48 4.32 4.40 -31.93
N SER C 49 3.29 5.15 -32.33
CA SER C 49 3.44 6.15 -33.40
C SER C 49 3.16 7.55 -32.92
N GLY C 50 3.94 8.51 -33.39
CA GLY C 50 3.77 9.91 -33.04
C GLY C 50 4.68 10.85 -33.82
N VAL C 51 4.57 12.14 -33.51
CA VAL C 51 5.21 13.22 -34.25
C VAL C 51 6.39 13.81 -33.45
N LEU C 52 7.48 14.11 -34.17
CA LEU C 52 8.60 14.92 -33.71
C LEU C 52 8.98 15.86 -34.84
N ALA C 53 9.37 17.09 -34.47
CA ALA C 53 9.68 18.21 -35.38
C ALA C 53 9.19 18.10 -36.86
N ASP C 54 7.87 18.06 -37.04
CA ASP C 54 7.23 18.01 -38.36
C ASP C 54 7.41 16.69 -39.15
N GLN C 55 7.69 15.59 -38.46
CA GLN C 55 7.80 14.26 -39.09
C GLN C 55 7.14 13.21 -38.20
N VAL C 56 6.61 12.17 -38.82
CA VAL C 56 5.92 11.10 -38.10
C VAL C 56 6.84 9.88 -37.98
N TRP C 57 6.70 9.13 -36.89
CA TRP C 57 7.52 7.95 -36.61
C TRP C 57 6.67 6.82 -36.08
N THR C 58 7.16 5.59 -36.23
CA THR C 58 6.66 4.44 -35.47
C THR C 58 7.85 3.73 -34.85
N LEU C 59 7.70 3.28 -33.60
CA LEU C 59 8.80 2.72 -32.82
C LEU C 59 8.37 1.44 -32.11
N THR C 60 9.34 0.56 -31.88
CA THR C 60 9.14 -0.66 -31.08
C THR C 60 10.51 -1.17 -30.61
N GLN C 61 10.54 -2.22 -29.80
CA GLN C 61 11.82 -2.80 -29.40
C GLN C 61 11.73 -4.27 -29.02
N THR C 62 12.88 -4.93 -28.97
CA THR C 62 12.97 -6.36 -28.69
C THR C 62 13.49 -6.59 -27.28
N GLU C 63 14.78 -6.32 -27.09
CA GLU C 63 15.50 -6.61 -25.84
C GLU C 63 16.88 -5.98 -25.88
N ASP C 64 17.66 -6.33 -26.90
CA ASP C 64 18.97 -5.75 -27.14
C ASP C 64 18.91 -4.39 -27.83
N GLN C 65 17.85 -4.12 -28.60
CA GLN C 65 17.81 -2.94 -29.48
C GLN C 65 16.43 -2.27 -29.65
N LEU C 66 16.47 -1.00 -30.06
CA LEU C 66 15.30 -0.13 -30.26
C LEU C 66 15.04 0.07 -31.75
N TYR C 67 13.89 -0.38 -32.24
CA TYR C 67 13.53 -0.31 -33.66
C TYR C 67 12.60 0.86 -33.97
N CYS C 68 12.93 1.61 -35.03
CA CYS C 68 12.17 2.78 -35.45
C CYS C 68 11.98 2.85 -36.97
N THR C 69 11.18 3.81 -37.41
CA THR C 69 10.96 4.10 -38.84
C THR C 69 10.27 5.45 -39.08
N VAL C 70 10.75 6.23 -40.04
CA VAL C 70 10.25 7.59 -40.34
C VAL C 70 9.24 7.62 -41.52
N TYR C 71 8.34 8.60 -41.50
CA TYR C 71 7.40 8.89 -42.61
C TYR C 71 7.53 10.35 -43.02
N ARG C 72 8.05 10.60 -44.22
CA ARG C 72 8.15 11.95 -44.81
C ARG C 72 7.14 12.11 -45.93
N SER C 76 8.83 12.77 -51.54
CA SER C 76 9.99 11.90 -51.38
C SER C 76 9.63 10.41 -51.57
N GLN C 77 10.66 9.58 -51.77
CA GLN C 77 10.50 8.12 -51.86
C GLN C 77 10.57 7.46 -50.47
N VAL C 78 10.02 6.25 -50.36
CA VAL C 78 9.98 5.51 -49.10
C VAL C 78 11.38 5.07 -48.62
N SER C 79 12.11 6.05 -48.09
CA SER C 79 13.47 5.87 -47.54
C SER C 79 13.37 5.53 -46.06
N ARG C 80 14.21 4.58 -45.59
CA ARG C 80 14.30 4.24 -44.16
C ARG C 80 15.04 5.39 -43.42
N PRO C 81 14.97 5.42 -42.06
CA PRO C 81 15.53 6.57 -41.28
C PRO C 81 16.98 6.92 -41.62
N THR C 82 17.30 8.21 -41.77
CA THR C 82 18.68 8.63 -42.00
C THR C 82 19.45 8.66 -40.69
N LEU C 83 20.75 8.89 -40.78
CA LEU C 83 21.65 9.09 -39.64
C LEU C 83 21.22 10.27 -38.75
N GLU C 84 21.04 11.44 -39.38
CA GLU C 84 20.62 12.69 -38.70
C GLU C 84 19.30 12.47 -37.91
N GLU C 85 18.34 11.84 -38.58
CA GLU C 85 17.05 11.48 -37.99
C GLU C 85 17.19 10.50 -36.80
N LEU C 86 18.12 9.55 -36.90
CA LEU C 86 18.46 8.67 -35.76
C LEU C 86 19.20 9.45 -34.66
N GLU C 87 20.01 10.44 -35.03
CA GLU C 87 20.63 11.34 -34.06
C GLU C 87 19.57 12.08 -33.24
N THR C 88 18.51 12.56 -33.89
CA THR C 88 17.45 13.31 -33.19
C THR C 88 16.60 12.45 -32.27
N LEU C 89 16.41 11.18 -32.63
CA LEU C 89 15.74 10.21 -31.75
C LEU C 89 16.62 9.79 -30.59
N HIS C 90 17.93 9.90 -30.76
CA HIS C 90 18.91 9.62 -29.69
C HIS C 90 18.87 10.72 -28.61
N LYS C 91 18.88 11.99 -29.02
CA LYS C 91 18.75 13.12 -28.08
C LYS C 91 17.39 13.13 -27.38
N TYR C 92 16.35 12.68 -28.08
CA TYR C 92 14.98 12.68 -27.58
C TYR C 92 14.82 11.73 -26.39
N PHE C 93 15.45 10.57 -26.47
CA PHE C 93 15.48 9.62 -25.37
C PHE C 93 16.69 9.82 -24.42
N GLN C 94 17.40 10.94 -24.57
CA GLN C 94 18.55 11.28 -23.74
C GLN C 94 19.43 10.06 -23.43
N LEU C 95 19.82 9.35 -24.48
CA LEU C 95 20.52 8.06 -24.29
C LEU C 95 21.99 8.15 -23.84
N ASP C 96 22.61 9.33 -23.92
CA ASP C 96 23.89 9.57 -23.23
C ASP C 96 23.79 9.19 -21.76
N VAL C 97 22.72 9.67 -21.12
CA VAL C 97 22.49 9.51 -19.69
C VAL C 97 22.28 8.04 -19.36
N SER C 98 23.15 7.50 -18.49
CA SER C 98 23.06 6.09 -18.08
C SER C 98 22.06 5.93 -16.95
N LEU C 99 21.03 5.13 -17.24
CA LEU C 99 19.99 4.80 -16.27
C LEU C 99 20.53 3.88 -15.17
N ALA C 100 21.32 2.87 -15.58
CA ALA C 100 21.98 1.93 -14.66
C ALA C 100 22.68 2.64 -13.50
N GLN C 101 23.44 3.68 -13.82
CA GLN C 101 24.10 4.52 -12.80
C GLN C 101 23.12 5.28 -11.91
N LEU C 102 22.04 5.80 -12.48
CA LEU C 102 21.07 6.58 -11.70
C LEU C 102 20.22 5.71 -10.76
N TYR C 103 19.75 4.55 -11.23
CA TYR C 103 19.04 3.58 -10.37
C TYR C 103 19.94 3.03 -9.25
N SER C 104 21.25 2.95 -9.52
CA SER C 104 22.23 2.57 -8.48
C SER C 104 22.34 3.67 -7.42
N HIS C 105 22.49 4.91 -7.87
CA HIS C 105 22.62 6.03 -6.94
C HIS C 105 21.37 6.18 -6.05
N TRP C 106 20.21 6.14 -6.67
CA TRP C 106 18.96 6.35 -5.96
C TRP C 106 18.66 5.22 -4.99
N ALA C 107 18.85 3.97 -5.43
CA ALA C 107 18.63 2.81 -4.55
C ALA C 107 19.56 2.78 -3.31
N SER C 108 20.77 3.32 -3.41
CA SER C 108 21.70 3.37 -2.29
C SER C 108 21.34 4.43 -1.22
N VAL C 109 20.72 5.54 -1.63
CA VAL C 109 20.33 6.63 -0.71
C VAL C 109 18.87 6.62 -0.23
N ASP C 110 18.11 5.62 -0.68
CA ASP C 110 16.66 5.62 -0.55
C ASP C 110 16.21 4.18 -0.70
N SER C 111 15.88 3.58 0.43
CA SER C 111 15.48 2.18 0.55
C SER C 111 14.08 1.90 0.00
N HIS C 112 13.22 2.92 0.00
CA HIS C 112 11.87 2.85 -0.64
C HIS C 112 11.99 2.70 -2.15
N PHE C 113 12.92 3.44 -2.73
CA PHE C 113 13.17 3.41 -4.16
C PHE C 113 13.70 2.04 -4.59
N GLN C 114 14.58 1.46 -3.78
CA GLN C 114 15.08 0.11 -4.05
C GLN C 114 13.92 -0.88 -4.23
N ARG C 115 12.94 -0.86 -3.32
CA ARG C 115 11.80 -1.77 -3.39
C ARG C 115 10.91 -1.49 -4.62
N VAL C 116 10.51 -0.24 -4.81
CA VAL C 116 9.60 0.14 -5.89
C VAL C 116 10.23 0.01 -7.29
N ALA C 117 11.47 0.46 -7.46
CA ALA C 117 12.08 0.55 -8.78
C ALA C 117 12.47 -0.77 -9.47
N GLN C 118 12.50 -1.88 -8.73
CA GLN C 118 12.85 -3.18 -9.31
C GLN C 118 11.89 -3.59 -10.43
N LYS C 119 10.59 -3.41 -10.20
CA LYS C 119 9.56 -3.77 -11.20
C LYS C 119 9.33 -2.71 -12.30
N PHE C 120 10.09 -1.61 -12.30
CA PHE C 120 9.88 -0.49 -13.23
C PHE C 120 11.22 0.08 -13.71
N GLN C 121 11.98 -0.75 -14.41
CA GLN C 121 13.24 -0.33 -15.03
C GLN C 121 12.93 0.36 -16.37
N GLY C 122 13.90 1.11 -16.87
CA GLY C 122 13.78 1.76 -18.18
C GLY C 122 12.89 2.99 -18.23
N VAL C 123 12.59 3.58 -17.07
CA VAL C 123 11.83 4.84 -17.02
C VAL C 123 12.83 5.97 -17.12
N ARG C 124 12.70 6.78 -18.17
CA ARG C 124 13.57 7.93 -18.35
C ARG C 124 12.75 9.11 -18.84
N LEU C 125 13.38 10.27 -18.87
CA LEU C 125 12.75 11.51 -19.30
C LEU C 125 13.02 11.78 -20.77
N LEU C 126 12.00 12.20 -21.49
CA LEU C 126 12.16 12.60 -22.87
C LEU C 126 12.66 14.04 -22.84
N ARG C 127 13.40 14.43 -23.86
CA ARG C 127 13.85 15.80 -24.03
C ARG C 127 12.96 16.40 -25.10
N GLN C 128 11.98 17.19 -24.67
CA GLN C 128 10.90 17.63 -25.55
C GLN C 128 11.12 19.04 -26.02
N ASP C 129 10.43 19.37 -27.11
CA ASP C 129 10.41 20.74 -27.60
C ASP C 129 9.68 21.58 -26.55
N PRO C 130 10.28 22.71 -26.13
CA PRO C 130 9.63 23.54 -25.13
C PRO C 130 8.16 23.85 -25.46
N THR C 131 7.91 24.39 -26.66
CA THR C 131 6.55 24.79 -27.07
C THR C 131 5.55 23.63 -26.91
N GLU C 132 5.79 22.51 -27.56
CA GLU C 132 4.87 21.36 -27.38
C GLU C 132 4.61 21.06 -25.89
N CYS C 133 5.67 21.14 -25.09
CA CYS C 133 5.63 20.80 -23.68
C CYS C 133 4.83 21.83 -22.87
N LEU C 134 5.18 23.10 -22.99
CA LEU C 134 4.45 24.20 -22.37
C LEU C 134 2.93 24.03 -22.50
N PHE C 135 2.46 24.08 -23.76
CA PHE C 135 1.02 24.14 -24.01
C PHE C 135 0.33 22.82 -23.71
N SER C 136 1.07 21.72 -23.80
CA SER C 136 0.54 20.43 -23.36
C SER C 136 0.25 20.43 -21.85
N PHE C 137 1.13 21.05 -21.08
CA PHE C 137 0.97 21.07 -19.62
C PHE C 137 0.02 22.15 -19.12
N ILE C 138 -0.21 23.18 -19.92
CA ILE C 138 -1.33 24.09 -19.69
C ILE C 138 -2.67 23.32 -19.79
N CYS C 139 -2.77 22.37 -20.71
CA CYS C 139 -3.98 21.56 -20.84
C CYS C 139 -4.09 20.42 -19.83
N SER C 140 -3.21 20.38 -18.82
CA SER C 140 -3.15 19.25 -17.89
C SER C 140 -3.76 19.53 -16.51
N SER C 141 -4.10 20.79 -16.22
CA SER C 141 -4.81 21.15 -14.98
C SER C 141 -6.11 20.36 -14.86
N ASN C 142 -6.41 19.86 -13.66
CA ASN C 142 -7.62 19.06 -13.39
C ASN C 142 -7.92 18.09 -14.52
N ASN C 143 -7.00 17.17 -14.77
CA ASN C 143 -7.11 16.31 -15.94
C ASN C 143 -6.44 14.96 -15.74
N ASN C 144 -6.77 14.01 -16.61
CA ASN C 144 -6.14 12.68 -16.64
C ASN C 144 -5.45 12.43 -17.98
N ILE C 145 -4.73 11.32 -18.10
CA ILE C 145 -3.89 11.08 -19.29
C ILE C 145 -4.73 10.99 -20.56
N ALA C 146 -5.70 10.08 -20.55
CA ALA C 146 -6.59 9.88 -21.70
C ALA C 146 -7.22 11.18 -22.21
N ARG C 147 -7.78 11.99 -21.31
CA ARG C 147 -8.41 13.26 -21.74
C ARG C 147 -7.39 14.23 -22.34
N ILE C 148 -6.21 14.36 -21.72
CA ILE C 148 -5.17 15.26 -22.27
C ILE C 148 -4.65 14.76 -23.63
N THR C 149 -4.58 13.45 -23.80
CA THR C 149 -4.24 12.86 -25.09
C THR C 149 -5.23 13.30 -26.16
N GLY C 150 -6.52 13.28 -25.84
CA GLY C 150 -7.56 13.85 -26.69
C GLY C 150 -7.45 15.35 -26.93
N MET C 151 -7.19 16.12 -25.87
CA MET C 151 -7.13 17.59 -25.94
C MET C 151 -6.06 18.09 -26.92
N VAL C 152 -4.86 17.51 -26.83
CA VAL C 152 -3.73 17.96 -27.65
C VAL C 152 -3.90 17.49 -29.09
N GLU C 153 -4.40 16.27 -29.28
CA GLU C 153 -4.82 15.76 -30.59
C GLU C 153 -5.68 16.81 -31.34
N ARG C 154 -6.82 17.17 -30.74
CA ARG C 154 -7.74 18.17 -31.32
C ARG C 154 -7.13 19.56 -31.47
N LEU C 155 -6.23 19.94 -30.57
CA LEU C 155 -5.53 21.22 -30.66
C LEU C 155 -4.69 21.31 -31.94
N CYS C 156 -3.99 20.22 -32.27
CA CYS C 156 -3.01 20.25 -33.37
C CYS C 156 -3.69 20.23 -34.74
N GLN C 157 -4.71 19.37 -34.87
CA GLN C 157 -5.60 19.33 -36.04
C GLN C 157 -6.05 20.73 -36.49
N ALA C 158 -6.50 21.53 -35.54
CA ALA C 158 -7.04 22.86 -35.81
C ALA C 158 -6.00 23.95 -36.11
N PHE C 159 -4.86 23.94 -35.41
CA PHE C 159 -3.87 25.04 -35.53
C PHE C 159 -2.47 24.65 -36.03
N GLY C 160 -2.23 23.35 -36.26
CA GLY C 160 -0.90 22.87 -36.66
C GLY C 160 -0.85 22.40 -38.11
N PRO C 161 0.23 22.77 -38.86
CA PRO C 161 0.47 22.26 -40.24
C PRO C 161 0.20 20.75 -40.40
N ARG C 162 -0.63 20.40 -41.39
CA ARG C 162 -0.92 19.00 -41.73
C ARG C 162 0.28 18.42 -42.48
N LEU C 163 0.64 17.19 -42.14
CA LEU C 163 1.89 16.56 -42.59
C LEU C 163 1.65 15.35 -43.47
N ILE C 164 0.86 14.40 -42.96
CA ILE C 164 0.64 13.10 -43.63
C ILE C 164 -0.46 12.32 -42.89
N GLN C 165 -1.19 11.47 -43.62
CA GLN C 165 -2.23 10.62 -43.05
C GLN C 165 -1.81 9.16 -43.14
N LEU C 166 -2.20 8.37 -42.14
CA LEU C 166 -1.96 6.92 -42.10
C LEU C 166 -3.19 6.19 -41.50
N ASP C 167 -3.84 5.34 -42.30
CA ASP C 167 -5.15 4.73 -41.93
C ASP C 167 -6.18 5.80 -41.48
N ASP C 168 -6.89 5.58 -40.38
CA ASP C 168 -7.86 6.55 -39.87
C ASP C 168 -7.20 7.85 -39.38
N VAL C 169 -5.97 7.74 -38.88
CA VAL C 169 -5.30 8.84 -38.16
C VAL C 169 -4.59 9.82 -39.10
N THR C 170 -4.87 11.11 -38.89
CA THR C 170 -4.21 12.19 -39.62
C THR C 170 -3.31 12.98 -38.65
N TYR C 171 -2.06 13.16 -39.05
CA TYR C 171 -1.02 13.69 -38.17
C TYR C 171 -0.68 15.13 -38.51
N HIS C 172 -0.65 16.00 -37.49
CA HIS C 172 -0.25 17.39 -37.64
C HIS C 172 0.98 17.65 -36.77
N GLY C 173 1.74 18.67 -37.14
CA GLY C 173 2.84 19.15 -36.33
C GLY C 173 2.26 19.96 -35.20
N PHE C 174 3.10 20.35 -34.23
CA PHE C 174 2.61 21.18 -33.16
C PHE C 174 2.49 22.61 -33.68
N PRO C 175 1.44 23.35 -33.25
CA PRO C 175 1.29 24.73 -33.67
C PRO C 175 2.47 25.61 -33.32
N ASN C 176 2.73 26.57 -34.19
CA ASN C 176 3.57 27.72 -33.85
C ASN C 176 2.77 28.64 -32.92
N LEU C 177 3.43 29.66 -32.37
CA LEU C 177 2.78 30.56 -31.42
C LEU C 177 1.68 31.39 -32.09
N HIS C 178 2.03 32.06 -33.18
CA HIS C 178 1.12 32.92 -33.95
C HIS C 178 -0.26 32.29 -34.16
N ALA C 179 -0.28 30.99 -34.47
CA ALA C 179 -1.53 30.25 -34.70
C ALA C 179 -2.37 30.09 -33.42
N LEU C 180 -1.70 29.87 -32.30
CA LEU C 180 -2.36 29.77 -31.00
C LEU C 180 -2.68 31.14 -30.39
N ALA C 181 -1.92 32.17 -30.77
CA ALA C 181 -2.12 33.53 -30.27
C ALA C 181 -3.21 34.34 -31.02
N GLY C 182 -4.03 33.66 -31.84
CA GLY C 182 -4.93 34.33 -32.77
C GLY C 182 -6.34 34.55 -32.24
N PRO C 183 -7.05 35.58 -32.78
CA PRO C 183 -8.39 36.01 -32.38
C PRO C 183 -9.39 34.92 -31.97
N GLU C 184 -9.52 33.88 -32.78
CA GLU C 184 -10.59 32.88 -32.62
C GLU C 184 -10.13 31.61 -31.90
N ALA C 185 -8.94 31.65 -31.29
CA ALA C 185 -8.33 30.45 -30.72
C ALA C 185 -9.11 29.94 -29.52
N GLU C 186 -9.36 30.84 -28.56
CA GLU C 186 -10.07 30.48 -27.33
C GLU C 186 -11.47 29.94 -27.61
N THR C 187 -12.16 30.55 -28.57
CA THR C 187 -13.49 30.09 -28.98
C THR C 187 -13.44 28.68 -29.61
N HIS C 188 -12.50 28.49 -30.54
CA HIS C 188 -12.34 27.21 -31.26
C HIS C 188 -11.89 26.11 -30.29
N LEU C 189 -11.01 26.47 -29.37
CA LEU C 189 -10.52 25.53 -28.36
C LEU C 189 -11.60 25.10 -27.36
N ARG C 190 -12.53 26.01 -27.07
CA ARG C 190 -13.72 25.67 -26.29
C ARG C 190 -14.67 24.76 -27.07
N LYS C 191 -14.75 24.96 -28.39
CA LYS C 191 -15.48 24.04 -29.29
C LYS C 191 -14.85 22.63 -29.30
N LEU C 192 -13.52 22.57 -29.18
CA LEU C 192 -12.78 21.30 -29.05
C LEU C 192 -12.89 20.63 -27.64
N GLY C 193 -13.28 21.40 -26.62
CA GLY C 193 -13.57 20.87 -25.28
C GLY C 193 -12.50 21.10 -24.22
N LEU C 194 -11.77 22.22 -24.31
CA LEU C 194 -10.66 22.52 -23.38
C LEU C 194 -11.09 23.22 -22.08
N GLY C 195 -12.28 23.83 -22.05
CA GLY C 195 -12.68 24.69 -20.94
C GLY C 195 -11.75 25.90 -20.76
N TYR C 196 -11.58 26.30 -19.50
CA TYR C 196 -10.66 27.39 -19.08
C TYR C 196 -9.24 27.38 -19.64
N ARG C 197 -8.71 26.19 -19.92
CA ARG C 197 -7.35 26.01 -20.45
C ARG C 197 -7.14 26.75 -21.78
N ALA C 198 -8.14 26.69 -22.65
CA ALA C 198 -8.19 27.52 -23.87
C ALA C 198 -7.83 29.00 -23.64
N ARG C 199 -8.27 29.55 -22.50
CA ARG C 199 -7.90 30.92 -22.12
C ARG C 199 -6.39 31.08 -21.99
N TYR C 200 -5.78 30.17 -21.22
CA TYR C 200 -4.34 30.26 -20.90
C TYR C 200 -3.42 29.99 -22.09
N VAL C 201 -3.79 29.00 -22.91
CA VAL C 201 -3.09 28.72 -24.20
C VAL C 201 -2.95 30.02 -24.98
N ARG C 202 -4.09 30.57 -25.41
CA ARG C 202 -4.09 31.78 -26.22
C ARG C 202 -3.35 32.90 -25.52
N ALA C 203 -3.68 33.11 -24.25
CA ALA C 203 -3.07 34.16 -23.42
C ALA C 203 -1.55 34.09 -23.43
N SER C 204 -0.99 32.93 -23.04
CA SER C 204 0.47 32.76 -22.93
C SER C 204 1.15 32.75 -24.30
N ALA C 205 0.51 32.09 -25.26
CA ALA C 205 0.95 32.09 -26.66
C ALA C 205 1.17 33.52 -27.15
N LYS C 206 0.15 34.36 -26.92
CA LYS C 206 0.25 35.80 -27.20
C LYS C 206 1.36 36.44 -26.36
N ALA C 207 1.33 36.20 -25.06
CA ALA C 207 2.27 36.78 -24.11
C ALA C 207 3.74 36.64 -24.51
N ILE C 208 4.13 35.44 -24.97
CA ILE C 208 5.52 35.18 -25.33
C ILE C 208 5.95 36.01 -26.56
N LEU C 209 5.11 36.05 -27.58
CA LEU C 209 5.40 36.82 -28.81
C LEU C 209 5.60 38.32 -28.56
N GLU C 210 4.66 38.93 -27.83
CA GLU C 210 4.73 40.37 -27.53
C GLU C 210 5.81 40.71 -26.49
N GLU C 211 5.56 40.35 -25.23
CA GLU C 211 6.36 40.81 -24.08
C GLU C 211 7.78 40.23 -24.02
N GLN C 212 7.91 38.92 -24.24
CA GLN C 212 9.21 38.24 -24.16
C GLN C 212 10.00 38.33 -25.47
N GLY C 213 9.30 38.48 -26.60
CA GLY C 213 9.91 38.80 -27.90
C GLY C 213 10.26 37.61 -28.78
N GLY C 214 9.39 36.59 -28.79
CA GLY C 214 9.50 35.46 -29.74
C GLY C 214 9.81 34.11 -29.11
N PRO C 215 9.83 33.03 -29.93
CA PRO C 215 10.12 31.68 -29.45
C PRO C 215 11.57 31.43 -28.99
N ALA C 216 12.51 32.26 -29.45
CA ALA C 216 13.91 32.17 -29.01
C ALA C 216 14.11 32.33 -27.50
N TRP C 217 13.19 33.03 -26.84
CA TRP C 217 13.17 33.15 -25.38
C TRP C 217 12.96 31.81 -24.66
N LEU C 218 12.19 30.89 -25.25
CA LEU C 218 12.01 29.55 -24.67
C LEU C 218 13.32 28.73 -24.72
N GLN C 219 14.00 28.74 -25.87
CA GLN C 219 15.30 28.08 -25.99
C GLN C 219 16.39 28.76 -25.15
N GLN C 220 16.22 30.05 -24.84
CA GLN C 220 17.13 30.78 -23.95
C GLN C 220 17.01 30.41 -22.46
N LEU C 221 15.94 29.68 -22.10
CA LEU C 221 15.76 29.12 -20.75
C LEU C 221 16.25 27.68 -20.61
N ARG C 222 16.54 27.05 -21.74
CA ARG C 222 17.28 25.80 -21.76
C ARG C 222 18.71 25.97 -21.25
N VAL C 223 19.29 27.16 -21.47
CA VAL C 223 20.66 27.47 -21.09
C VAL C 223 20.73 28.22 -19.75
N ALA C 224 19.69 28.97 -19.40
CA ALA C 224 19.64 29.67 -18.11
C ALA C 224 19.63 28.65 -16.94
N PRO C 225 20.13 29.04 -15.75
CA PRO C 225 20.05 28.15 -14.60
C PRO C 225 18.60 27.89 -14.17
N TYR C 226 18.38 26.75 -13.54
CA TYR C 226 17.03 26.29 -13.12
C TYR C 226 16.16 27.36 -12.47
N GLU C 227 16.76 28.14 -11.56
CA GLU C 227 16.01 29.14 -10.78
C GLU C 227 15.46 30.29 -11.63
N GLU C 228 16.27 30.79 -12.57
CA GLU C 228 15.87 31.86 -13.51
C GLU C 228 14.81 31.38 -14.52
N ALA C 229 14.96 30.14 -14.98
CA ALA C 229 14.01 29.51 -15.91
C ALA C 229 12.64 29.23 -15.30
N HIS C 230 12.61 28.74 -14.07
CA HIS C 230 11.35 28.48 -13.37
C HIS C 230 10.56 29.75 -13.02
N LYS C 231 11.28 30.78 -12.61
CA LYS C 231 10.70 32.10 -12.31
C LYS C 231 10.14 32.75 -13.59
N ALA C 232 10.92 32.67 -14.67
CA ALA C 232 10.52 33.18 -15.98
C ALA C 232 9.21 32.58 -16.50
N LEU C 233 9.08 31.25 -16.36
CA LEU C 233 7.86 30.54 -16.79
C LEU C 233 6.61 30.84 -15.94
N CYS C 234 6.82 31.21 -14.67
CA CYS C 234 5.68 31.47 -13.76
C CYS C 234 4.91 32.75 -14.11
N THR C 235 5.60 33.71 -14.76
CA THR C 235 4.96 34.93 -15.29
C THR C 235 3.93 34.69 -16.42
N LEU C 236 3.96 33.52 -17.05
CA LEU C 236 3.01 33.19 -18.11
C LEU C 236 1.63 32.87 -17.52
N PRO C 237 0.55 33.32 -18.20
CA PRO C 237 -0.80 32.94 -17.80
C PRO C 237 -1.02 31.43 -17.75
N GLY C 238 -1.60 30.95 -16.66
CA GLY C 238 -1.89 29.52 -16.50
C GLY C 238 -0.71 28.65 -16.15
N VAL C 239 0.42 29.26 -15.81
CA VAL C 239 1.63 28.52 -15.45
C VAL C 239 1.97 28.77 -13.98
N GLY C 240 1.63 27.79 -13.15
CA GLY C 240 2.10 27.75 -11.76
C GLY C 240 3.47 27.09 -11.61
N ALA C 241 3.89 26.94 -10.36
CA ALA C 241 5.15 26.30 -10.03
C ALA C 241 5.22 24.85 -10.54
N LYS C 242 4.10 24.12 -10.48
CA LYS C 242 4.04 22.72 -10.91
C LYS C 242 4.31 22.53 -12.40
N VAL C 243 3.69 23.41 -13.20
CA VAL C 243 3.78 23.36 -14.65
C VAL C 243 5.16 23.86 -15.11
N ALA C 244 5.64 24.93 -14.48
CA ALA C 244 6.97 25.45 -14.72
C ALA C 244 8.04 24.36 -14.51
N ASP C 245 7.93 23.67 -13.38
CA ASP C 245 8.82 22.55 -13.04
C ASP C 245 8.72 21.43 -14.07
N CYS C 246 7.51 21.10 -14.48
CA CYS C 246 7.24 20.12 -15.53
C CYS C 246 8.00 20.46 -16.80
N ILE C 247 7.89 21.72 -17.23
CA ILE C 247 8.58 22.19 -18.42
C ILE C 247 10.09 22.18 -18.19
N CYS C 248 10.51 22.74 -17.06
CA CYS C 248 11.91 22.75 -16.67
C CYS C 248 12.54 21.35 -16.76
N LEU C 249 11.82 20.36 -16.23
CA LEU C 249 12.33 18.98 -16.20
C LEU C 249 12.33 18.28 -17.55
N MET C 250 11.30 18.53 -18.35
CA MET C 250 11.02 17.72 -19.53
C MET C 250 11.39 18.37 -20.85
N ALA C 251 11.95 19.58 -20.80
CA ALA C 251 12.28 20.31 -22.02
C ALA C 251 13.41 21.34 -21.92
N LEU C 252 13.62 21.93 -20.73
CA LEU C 252 14.71 22.89 -20.52
C LEU C 252 15.96 22.32 -19.82
N ASP C 253 16.13 20.99 -19.83
CA ASP C 253 17.34 20.32 -19.30
C ASP C 253 17.66 20.67 -17.84
N LYS C 254 16.67 20.60 -16.96
CA LYS C 254 16.87 20.75 -15.52
C LYS C 254 16.44 19.42 -14.89
N PRO C 255 17.38 18.45 -14.77
CA PRO C 255 17.00 17.16 -14.19
C PRO C 255 16.65 17.22 -12.69
N GLN C 256 17.05 18.30 -12.03
CA GLN C 256 16.73 18.54 -10.61
C GLN C 256 15.33 19.09 -10.35
N ALA C 257 14.65 19.57 -11.39
CA ALA C 257 13.27 20.07 -11.24
C ALA C 257 12.35 18.92 -10.84
N VAL C 258 11.58 19.15 -9.78
CA VAL C 258 10.72 18.15 -9.19
C VAL C 258 9.32 18.78 -9.11
N PRO C 259 8.40 18.43 -10.04
CA PRO C 259 7.08 19.04 -10.00
C PRO C 259 6.26 18.53 -8.83
N VAL C 260 5.72 19.46 -8.02
CA VAL C 260 4.97 19.11 -6.82
C VAL C 260 3.48 19.48 -6.93
N ASP C 261 2.62 18.49 -6.69
CA ASP C 261 1.18 18.69 -6.58
C ASP C 261 0.62 17.75 -5.49
N VAL C 262 -0.70 17.64 -5.40
CA VAL C 262 -1.36 16.87 -4.34
C VAL C 262 -0.92 15.40 -4.30
N HIS C 263 -0.71 14.79 -5.46
CA HIS C 263 -0.28 13.39 -5.54
C HIS C 263 1.15 13.16 -5.00
N VAL C 264 2.06 14.10 -5.24
CA VAL C 264 3.45 13.99 -4.76
C VAL C 264 3.45 14.15 -3.24
N TRP C 265 2.76 15.19 -2.76
CA TRP C 265 2.40 15.35 -1.34
C TRP C 265 1.98 14.06 -0.65
N GLN C 266 1.05 13.34 -1.28
CA GLN C 266 0.50 12.11 -0.71
C GLN C 266 1.53 10.97 -0.62
N ILE C 267 2.25 10.76 -1.72
CA ILE C 267 3.38 9.83 -1.75
C ILE C 267 4.47 10.19 -0.74
N ALA C 268 4.85 11.47 -0.69
CA ALA C 268 5.90 11.92 0.21
C ALA C 268 5.48 11.68 1.64
N HIS C 269 4.23 12.00 1.93
CA HIS C 269 3.70 11.80 3.26
C HIS C 269 3.60 10.32 3.61
N ARG C 270 3.03 9.53 2.71
CA ARG C 270 2.83 8.10 2.96
C ARG C 270 4.13 7.30 3.02
N ASP C 271 4.94 7.40 1.98
CA ASP C 271 6.17 6.59 1.84
C ASP C 271 7.43 7.17 2.50
N TYR C 272 7.48 8.48 2.76
CA TYR C 272 8.65 9.11 3.38
C TYR C 272 8.39 9.75 4.73
N GLY C 273 7.13 9.77 5.17
CA GLY C 273 6.76 10.39 6.44
C GLY C 273 6.97 11.89 6.49
N TRP C 274 6.88 12.54 5.33
CA TRP C 274 7.16 13.95 5.21
C TRP C 274 6.00 14.85 5.67
N HIS C 275 6.33 15.82 6.52
CA HIS C 275 5.45 16.95 6.82
C HIS C 275 6.20 18.25 6.66
N PRO C 276 5.49 19.32 6.29
CA PRO C 276 6.13 20.65 6.27
C PRO C 276 6.62 21.10 7.65
N LYS C 277 7.72 21.85 7.69
CA LYS C 277 8.20 22.52 8.89
C LYS C 277 7.66 23.96 8.88
N THR C 278 6.32 24.09 8.88
CA THR C 278 5.63 25.38 8.63
C THR C 278 4.47 25.56 9.63
N GLY C 283 -0.66 21.80 4.37
CA GLY C 283 -1.43 21.35 3.20
C GLY C 283 -1.22 22.27 2.02
N PRO C 284 -0.97 21.70 0.82
CA PRO C 284 -0.40 22.34 -0.39
C PRO C 284 -0.30 23.89 -0.40
N SER C 285 0.52 24.43 0.49
CA SER C 285 0.89 25.85 0.48
C SER C 285 1.91 26.05 -0.65
N PRO C 286 1.96 27.27 -1.23
CA PRO C 286 3.05 27.55 -2.19
C PRO C 286 4.45 27.32 -1.60
N LEU C 287 4.63 27.72 -0.33
CA LEU C 287 5.92 27.57 0.37
C LEU C 287 6.21 26.14 0.82
N ALA C 288 5.17 25.38 1.13
CA ALA C 288 5.32 23.97 1.49
C ALA C 288 5.69 23.11 0.27
N ASN C 289 5.09 23.42 -0.88
CA ASN C 289 5.40 22.72 -2.14
C ASN C 289 6.87 22.86 -2.50
N LYS C 290 7.38 24.09 -2.39
CA LYS C 290 8.78 24.39 -2.61
C LYS C 290 9.67 23.57 -1.67
N GLU C 291 9.35 23.59 -0.39
CA GLU C 291 10.07 22.79 0.60
C GLU C 291 10.11 21.30 0.20
N LEU C 292 9.01 20.77 -0.32
CA LEU C 292 8.94 19.36 -0.71
C LEU C 292 9.85 19.01 -1.93
N GLY C 293 9.98 19.93 -2.87
CA GLY C 293 10.90 19.76 -4.00
C GLY C 293 12.35 19.80 -3.56
N ASN C 294 12.65 20.67 -2.60
CA ASN C 294 13.96 20.69 -1.95
C ASN C 294 14.25 19.39 -1.22
N PHE C 295 13.26 18.88 -0.49
CA PHE C 295 13.41 17.60 0.20
C PHE C 295 13.88 16.48 -0.76
N PHE C 296 13.22 16.36 -1.91
CA PHE C 296 13.55 15.32 -2.88
C PHE C 296 14.88 15.59 -3.61
N ARG C 297 15.16 16.84 -3.94
CA ARG C 297 16.51 17.21 -4.44
C ARG C 297 17.61 16.83 -3.46
N ASN C 298 17.38 17.05 -2.16
CA ASN C 298 18.30 16.64 -1.09
C ASN C 298 18.43 15.14 -0.94
N LEU C 299 17.33 14.41 -1.11
CA LEU C 299 17.36 12.96 -1.01
C LEU C 299 18.01 12.28 -2.23
N TRP C 300 17.65 12.72 -3.43
CA TRP C 300 18.01 11.99 -4.66
C TRP C 300 19.18 12.58 -5.44
N GLY C 301 19.34 13.89 -5.39
CA GLY C 301 20.50 14.55 -5.96
C GLY C 301 20.16 15.36 -7.20
N PRO C 302 21.12 15.46 -8.15
CA PRO C 302 20.98 16.38 -9.28
C PRO C 302 19.96 15.93 -10.34
N TYR C 303 19.63 14.64 -10.36
CA TYR C 303 18.63 14.08 -11.27
C TYR C 303 17.32 13.70 -10.53
N ALA C 304 16.92 14.52 -9.57
CA ALA C 304 15.76 14.22 -8.72
C ALA C 304 14.44 14.07 -9.51
N GLY C 305 14.29 14.85 -10.58
CA GLY C 305 13.14 14.76 -11.47
C GLY C 305 13.01 13.39 -12.10
N TRP C 306 14.14 12.83 -12.51
CA TRP C 306 14.18 11.53 -13.18
C TRP C 306 13.73 10.45 -12.21
N ALA C 307 14.29 10.47 -10.99
CA ALA C 307 13.87 9.55 -9.90
C ALA C 307 12.38 9.58 -9.63
N GLN C 308 11.84 10.79 -9.57
CA GLN C 308 10.40 10.95 -9.40
C GLN C 308 9.63 10.23 -10.51
N ALA C 309 9.99 10.48 -11.77
CA ALA C 309 9.39 9.79 -12.93
C ALA C 309 9.25 8.29 -12.73
N VAL C 310 10.28 7.68 -12.14
CA VAL C 310 10.29 6.24 -11.89
C VAL C 310 9.15 5.91 -10.96
N LEU C 311 9.10 6.59 -9.81
CA LEU C 311 8.02 6.44 -8.83
C LEU C 311 6.65 6.76 -9.41
N PHE C 312 6.54 7.81 -10.23
CA PHE C 312 5.28 8.17 -10.90
C PHE C 312 4.76 7.05 -11.78
N SER C 313 5.62 6.49 -12.63
CA SER C 313 5.28 5.33 -13.46
C SER C 313 4.90 4.09 -12.66
N ALA C 314 5.51 3.91 -11.49
CA ALA C 314 5.09 2.86 -10.55
C ALA C 314 3.66 3.03 -10.00
N ASP C 315 3.21 4.29 -9.85
CA ASP C 315 1.87 4.59 -9.35
C ASP C 315 0.74 4.51 -10.40
N LEU C 316 1.10 4.27 -11.68
CA LEU C 316 0.12 4.03 -12.76
C LEU C 316 -0.20 2.54 -12.89
#